data_3FI9
#
_entry.id   3FI9
#
_cell.length_a   71.385
_cell.length_b   74.133
_cell.length_c   135.296
_cell.angle_alpha   90.000
_cell.angle_beta   90.000
_cell.angle_gamma   90.000
#
_symmetry.space_group_name_H-M   'P 21 21 21'
#
loop_
_entity.id
_entity.type
_entity.pdbx_description
1 polymer 'Malate dehydrogenase'
2 water water
#
_entity_poly.entity_id   1
_entity_poly.type   'polypeptide(L)'
_entity_poly.pdbx_seq_one_letter_code
;MSLSYLTEEKLTIVGAAGMIGSNMAQTAAMMRLTPNLCLYDPFAVGLEGVAEEIRHCGFEGLNLTFTSDIKEALTDAKYI
VSSGGAPRKEGMTREDLLKGNAEIAAQLGKDIKSYCPDCKHVIIIFNPADITGLVTLIYSGLKPSQVTTLAGLDSTRLQS
ELAKHFGIKQSLVTNTRTYGGHGEQMAVFASTAKVNGTPLTDLIGTDKLTNEQWAELKQRVVKGGANIIKLRGRSSFQSP
SYVSIEMIRAAMGGEAFRWPAGCYVNVPGFEHIMMAMETTITKDGVKHSDINQLGNEAERAALKESYSHLAKLRDEVIAM
GIIPAIADWKTVNPNEGHHHHHH
;
_entity_poly.pdbx_strand_id   A,B
#
# COMPACT_ATOMS: atom_id res chain seq x y z
N SER A 2 -13.23 -12.94 1.25
CA SER A 2 -13.10 -11.75 0.37
C SER A 2 -14.43 -11.43 -0.31
N LEU A 3 -14.62 -10.15 -0.64
CA LEU A 3 -15.69 -9.72 -1.51
C LEU A 3 -15.41 -10.27 -2.90
N SER A 4 -16.42 -10.29 -3.77
CA SER A 4 -16.19 -10.58 -5.17
C SER A 4 -15.61 -9.33 -5.85
N TYR A 5 -14.93 -9.50 -6.98
CA TYR A 5 -14.41 -8.35 -7.72
C TYR A 5 -15.55 -7.47 -8.14
N LEU A 6 -15.31 -6.17 -8.16
CA LEU A 6 -16.41 -5.21 -8.46
C LEU A 6 -16.83 -5.29 -9.92
N THR A 7 -15.89 -5.53 -10.80
CA THR A 7 -16.22 -5.64 -12.18
C THR A 7 -15.19 -6.55 -12.85
N GLU A 8 -15.45 -6.99 -14.08
CA GLU A 8 -14.41 -7.68 -14.87
C GLU A 8 -13.73 -6.72 -15.87
N GLU A 9 -14.23 -5.49 -15.98
CA GLU A 9 -13.65 -4.57 -16.96
C GLU A 9 -12.20 -4.16 -16.60
N LYS A 10 -11.40 -3.81 -17.60
CA LYS A 10 -9.97 -3.54 -17.42
C LYS A 10 -9.75 -2.16 -16.81
N LEU A 11 -8.91 -2.16 -15.77
CA LEU A 11 -8.40 -0.96 -15.15
C LEU A 11 -6.91 -0.85 -15.49
N THR A 12 -6.57 0.26 -16.11
CA THR A 12 -5.18 0.55 -16.40
C THR A 12 -4.59 1.70 -15.58
N ILE A 13 -3.47 1.40 -14.94
CA ILE A 13 -2.73 2.41 -14.18
C ILE A 13 -1.64 2.92 -15.05
N VAL A 14 -1.63 4.23 -15.33
CA VAL A 14 -0.53 4.81 -16.07
C VAL A 14 0.47 5.42 -15.08
N GLY A 15 1.77 5.16 -15.26
CA GLY A 15 2.75 5.67 -14.33
C GLY A 15 3.01 4.66 -13.23
N ALA A 16 2.76 3.39 -13.53
CA ALA A 16 2.78 2.31 -12.53
C ALA A 16 4.17 1.96 -11.96
N ALA A 17 5.25 2.38 -12.62
CA ALA A 17 6.58 2.02 -12.13
C ALA A 17 7.02 2.84 -10.92
N GLY A 18 6.40 4.01 -10.76
CA GLY A 18 6.69 4.92 -9.66
C GLY A 18 6.16 4.55 -8.29
N MET A 19 6.59 5.33 -7.29
CA MET A 19 6.17 5.13 -5.92
C MET A 19 4.67 5.28 -5.76
N ILE A 20 4.11 6.33 -6.36
CA ILE A 20 2.66 6.42 -6.41
C ILE A 20 1.92 5.29 -7.21
N GLY A 21 2.33 5.09 -8.46
CA GLY A 21 1.65 4.06 -9.31
C GLY A 21 1.76 2.65 -8.73
N SER A 22 2.91 2.33 -8.16
CA SER A 22 3.08 0.98 -7.59
C SER A 22 2.11 0.77 -6.38
N ASN A 23 1.99 1.81 -5.58
CA ASN A 23 1.08 1.78 -4.44
C ASN A 23 -0.34 1.69 -4.96
N MET A 24 -0.64 2.34 -6.08
CA MET A 24 -1.97 2.25 -6.66
C MET A 24 -2.28 0.82 -7.08
N ALA A 25 -1.29 0.15 -7.61
CA ALA A 25 -1.49 -1.19 -8.08
C ALA A 25 -1.86 -2.09 -6.92
N GLN A 26 -1.12 -1.97 -5.83
CA GLN A 26 -1.38 -2.77 -4.64
C GLN A 26 -2.77 -2.40 -4.08
N THR A 27 -3.11 -1.11 -4.10
CA THR A 27 -4.40 -0.71 -3.56
C THR A 27 -5.56 -1.22 -4.40
N ALA A 28 -5.43 -1.12 -5.70
CA ALA A 28 -6.50 -1.59 -6.59
C ALA A 28 -6.71 -3.09 -6.43
N ALA A 29 -5.61 -3.82 -6.32
CA ALA A 29 -5.70 -5.28 -6.10
C ALA A 29 -6.32 -5.60 -4.76
N MET A 30 -5.91 -4.93 -3.67
CA MET A 30 -6.55 -5.20 -2.38
C MET A 30 -8.04 -4.95 -2.40
N MET A 31 -8.43 -3.86 -3.09
CA MET A 31 -9.84 -3.47 -3.12
C MET A 31 -10.67 -4.40 -4.03
N ARG A 32 -10.00 -5.31 -4.73
CA ARG A 32 -10.65 -6.23 -5.67
C ARG A 32 -11.56 -5.48 -6.62
N LEU A 33 -11.02 -4.45 -7.28
CA LEU A 33 -11.83 -3.66 -8.21
C LEU A 33 -12.09 -4.49 -9.46
N THR A 34 -11.03 -5.06 -10.02
CA THR A 34 -11.12 -5.95 -11.20
C THR A 34 -9.93 -6.91 -11.19
N PRO A 35 -10.14 -8.13 -11.70
CA PRO A 35 -8.99 -9.01 -11.88
C PRO A 35 -8.09 -8.54 -13.03
N ASN A 36 -8.67 -7.75 -13.94
CA ASN A 36 -7.92 -7.33 -15.13
C ASN A 36 -7.27 -5.98 -14.87
N LEU A 37 -6.20 -6.05 -14.11
CA LEU A 37 -5.47 -4.84 -13.71
C LEU A 37 -4.23 -4.76 -14.58
N CYS A 38 -4.09 -3.64 -15.30
CA CYS A 38 -3.00 -3.49 -16.24
C CYS A 38 -2.10 -2.32 -15.86
N LEU A 39 -0.79 -2.60 -15.79
CA LEU A 39 0.18 -1.61 -15.34
C LEU A 39 0.98 -1.11 -16.54
N TYR A 40 0.97 0.21 -16.77
CA TYR A 40 1.70 0.77 -17.89
C TYR A 40 2.76 1.77 -17.40
N ASP A 41 3.98 1.69 -17.93
CA ASP A 41 4.97 2.71 -17.70
C ASP A 41 5.97 2.59 -18.84
N PRO A 42 6.44 3.74 -19.35
CA PRO A 42 7.60 3.72 -20.31
C PRO A 42 8.85 3.12 -19.70
N PHE A 43 8.98 3.12 -18.37
CA PHE A 43 10.22 2.62 -17.75
C PHE A 43 10.11 1.12 -17.53
N ALA A 44 10.51 0.33 -18.52
CA ALA A 44 10.18 -1.10 -18.53
C ALA A 44 10.82 -1.87 -17.36
N VAL A 45 12.03 -1.50 -16.97
CA VAL A 45 12.68 -2.27 -15.93
C VAL A 45 12.03 -2.02 -14.56
N GLY A 46 11.75 -0.76 -14.26
CA GLY A 46 11.12 -0.41 -13.03
C GLY A 46 9.76 -1.03 -12.99
N LEU A 47 9.06 -1.04 -14.13
CA LEU A 47 7.71 -1.61 -14.24
C LEU A 47 7.73 -3.08 -13.89
N GLU A 48 8.71 -3.79 -14.46
CA GLU A 48 8.79 -5.21 -14.20
C GLU A 48 8.97 -5.51 -12.71
N GLY A 49 9.73 -4.67 -12.00
CA GLY A 49 9.98 -4.93 -10.58
C GLY A 49 8.69 -4.74 -9.81
N VAL A 50 7.90 -3.75 -10.24
CA VAL A 50 6.62 -3.51 -9.61
C VAL A 50 5.70 -4.70 -9.80
N ALA A 51 5.56 -5.18 -11.05
CA ALA A 51 4.69 -6.32 -11.34
C ALA A 51 5.08 -7.56 -10.54
N GLU A 52 6.39 -7.79 -10.43
CA GLU A 52 6.92 -8.94 -9.67
C GLU A 52 6.46 -8.83 -8.22
N GLU A 53 6.58 -7.64 -7.64
CA GLU A 53 6.12 -7.44 -6.27
C GLU A 53 4.61 -7.73 -6.11
N ILE A 54 3.79 -7.25 -7.03
CA ILE A 54 2.35 -7.49 -6.95
C ILE A 54 2.05 -8.98 -7.06
N ARG A 55 2.68 -9.62 -8.02
CA ARG A 55 2.52 -11.05 -8.17
C ARG A 55 2.87 -11.84 -6.88
N HIS A 56 3.91 -11.42 -6.20
CA HIS A 56 4.36 -12.10 -4.98
C HIS A 56 3.46 -11.84 -3.75
N CYS A 57 2.51 -10.91 -3.85
CA CYS A 57 1.51 -10.72 -2.77
C CYS A 57 0.52 -11.86 -2.76
N GLY A 58 0.35 -12.48 -3.92
CA GLY A 58 -0.61 -13.61 -4.07
C GLY A 58 -2.06 -13.20 -4.01
N PHE A 59 -2.45 -12.21 -4.81
CA PHE A 59 -3.84 -11.78 -4.82
C PHE A 59 -4.69 -12.79 -5.55
N GLU A 60 -5.70 -13.35 -4.85
CA GLU A 60 -6.55 -14.43 -5.41
C GLU A 60 -7.32 -13.96 -6.65
N GLY A 61 -7.14 -14.65 -7.78
CA GLY A 61 -7.90 -14.34 -9.02
C GLY A 61 -7.41 -13.14 -9.84
N LEU A 62 -6.30 -12.54 -9.42
CA LEU A 62 -5.83 -11.37 -10.15
C LEU A 62 -5.26 -11.82 -11.49
N ASN A 63 -5.59 -11.10 -12.54
CA ASN A 63 -4.98 -11.31 -13.86
C ASN A 63 -4.08 -10.11 -14.21
N LEU A 64 -2.97 -9.96 -13.52
CA LEU A 64 -2.14 -8.77 -13.70
C LEU A 64 -1.41 -8.80 -15.07
N THR A 65 -1.40 -7.67 -15.76
CA THR A 65 -0.66 -7.52 -16.99
C THR A 65 0.21 -6.27 -16.83
N PHE A 66 1.35 -6.24 -17.51
CA PHE A 66 2.12 -5.00 -17.53
C PHE A 66 2.72 -4.82 -18.90
N THR A 67 2.90 -3.56 -19.27
CA THR A 67 3.39 -3.24 -20.60
C THR A 67 3.91 -1.81 -20.67
N SER A 68 4.90 -1.61 -21.56
CA SER A 68 5.38 -0.26 -21.90
C SER A 68 4.87 0.22 -23.26
N ASP A 69 3.89 -0.51 -23.81
CA ASP A 69 3.25 -0.18 -25.08
C ASP A 69 1.87 0.38 -24.79
N ILE A 70 1.68 1.65 -25.13
CA ILE A 70 0.44 2.30 -24.78
C ILE A 70 -0.77 1.70 -25.49
N LYS A 71 -0.65 1.25 -26.74
CA LYS A 71 -1.78 0.63 -27.41
C LYS A 71 -2.22 -0.60 -26.64
N GLU A 72 -1.27 -1.42 -26.22
CA GLU A 72 -1.61 -2.64 -25.48
C GLU A 72 -2.32 -2.34 -24.16
N ALA A 73 -1.81 -1.34 -23.47
CA ALA A 73 -2.29 -0.91 -22.15
C ALA A 73 -3.70 -0.34 -22.22
N LEU A 74 -3.95 0.51 -23.22
CA LEU A 74 -5.29 1.12 -23.32
C LEU A 74 -6.33 0.27 -24.04
N THR A 75 -5.90 -0.71 -24.83
CA THR A 75 -6.89 -1.61 -25.48
C THR A 75 -7.79 -2.33 -24.49
N ASP A 76 -9.11 -2.19 -24.64
CA ASP A 76 -10.11 -2.75 -23.72
C ASP A 76 -10.18 -1.98 -22.38
N ALA A 77 -9.33 -0.97 -22.19
CA ALA A 77 -9.37 -0.20 -20.92
C ALA A 77 -10.73 0.44 -20.77
N LYS A 78 -11.40 0.25 -19.63
CA LYS A 78 -12.59 1.00 -19.32
C LYS A 78 -12.41 2.03 -18.20
N TYR A 79 -11.39 1.85 -17.39
CA TYR A 79 -11.02 2.80 -16.33
C TYR A 79 -9.55 3.04 -16.42
N ILE A 80 -9.15 4.30 -16.21
CA ILE A 80 -7.76 4.66 -16.28
C ILE A 80 -7.44 5.60 -15.15
N VAL A 81 -6.33 5.36 -14.47
CA VAL A 81 -5.84 6.31 -13.49
C VAL A 81 -4.42 6.63 -13.85
N SER A 82 -4.10 7.91 -14.06
CA SER A 82 -2.70 8.27 -14.39
C SER A 82 -1.95 9.13 -13.42
N SER A 83 -0.79 8.64 -12.97
CA SER A 83 0.17 9.50 -12.30
C SER A 83 1.35 9.69 -13.21
N GLY A 84 1.14 9.62 -14.52
CA GLY A 84 2.28 9.66 -15.43
C GLY A 84 2.55 11.06 -15.91
N GLY A 85 3.09 11.91 -15.04
CA GLY A 85 3.46 13.27 -15.43
C GLY A 85 4.80 13.38 -16.17
N THR A 93 12.39 25.66 -16.00
CA THR A 93 11.53 26.83 -15.94
C THR A 93 10.07 26.44 -15.68
N ARG A 94 9.31 27.34 -15.06
CA ARG A 94 7.91 27.09 -14.74
C ARG A 94 7.12 26.87 -16.01
N GLU A 95 7.48 27.62 -17.06
CA GLU A 95 6.79 27.49 -18.33
C GLU A 95 7.06 26.13 -18.94
N ASP A 96 8.27 25.62 -18.71
CA ASP A 96 8.68 24.36 -19.31
C ASP A 96 7.99 23.12 -18.67
N LEU A 97 7.90 23.09 -17.36
CA LEU A 97 7.15 22.05 -16.67
C LEU A 97 5.66 22.10 -17.03
N LEU A 98 5.14 23.32 -17.14
CA LEU A 98 3.75 23.54 -17.47
C LEU A 98 3.44 22.97 -18.85
N LYS A 99 4.24 23.39 -19.83
CA LYS A 99 4.13 22.92 -21.19
C LYS A 99 4.37 21.40 -21.28
N GLY A 100 5.39 20.93 -20.59
CA GLY A 100 5.72 19.52 -20.59
C GLY A 100 4.56 18.68 -20.06
N ASN A 101 3.97 19.09 -18.94
CA ASN A 101 2.84 18.32 -18.42
C ASN A 101 1.56 18.49 -19.25
N ALA A 102 1.35 19.69 -19.78
CA ALA A 102 0.19 19.87 -20.66
C ALA A 102 0.32 18.97 -21.88
N GLU A 103 1.52 18.87 -22.44
CA GLU A 103 1.78 17.98 -23.61
C GLU A 103 1.58 16.50 -23.29
N ILE A 104 2.02 16.04 -22.12
CA ILE A 104 1.80 14.62 -21.83
C ILE A 104 0.31 14.39 -21.62
N ALA A 105 -0.37 15.37 -21.04
CA ALA A 105 -1.82 15.26 -20.86
C ALA A 105 -2.51 15.24 -22.22
N ALA A 106 -2.07 16.04 -23.18
CA ALA A 106 -2.73 15.99 -24.54
C ALA A 106 -2.55 14.64 -25.23
N GLN A 107 -1.32 14.15 -25.16
CA GLN A 107 -0.99 12.84 -25.69
C GLN A 107 -1.78 11.74 -25.02
N LEU A 108 -2.04 11.84 -23.71
CA LEU A 108 -2.89 10.82 -23.08
C LEU A 108 -4.31 10.88 -23.62
N GLY A 109 -4.86 12.09 -23.75
CA GLY A 109 -6.15 12.23 -24.43
C GLY A 109 -6.18 11.62 -25.84
N LYS A 110 -5.23 11.98 -26.69
CA LYS A 110 -5.19 11.46 -28.07
C LYS A 110 -5.18 9.91 -28.08
N ASP A 111 -4.42 9.35 -27.13
CA ASP A 111 -4.27 7.89 -26.99
C ASP A 111 -5.56 7.23 -26.55
N ILE A 112 -6.26 7.88 -25.63
CA ILE A 112 -7.55 7.38 -25.20
C ILE A 112 -8.45 7.41 -26.40
N LYS A 113 -8.29 8.43 -27.25
CA LYS A 113 -9.24 8.61 -28.35
C LYS A 113 -9.03 7.54 -29.41
N SER A 114 -7.77 7.19 -29.62
CA SER A 114 -7.39 6.18 -30.60
C SER A 114 -7.69 4.78 -30.13
N TYR A 115 -7.40 4.49 -28.86
CA TYR A 115 -7.39 3.11 -28.37
C TYR A 115 -8.55 2.71 -27.45
N CYS A 116 -9.19 3.67 -26.78
CA CYS A 116 -10.31 3.33 -25.92
C CYS A 116 -11.35 4.47 -25.79
N PRO A 117 -11.86 4.96 -26.94
CA PRO A 117 -12.82 6.05 -26.94
C PRO A 117 -14.05 5.68 -26.14
N ASP A 118 -14.29 4.38 -25.94
CA ASP A 118 -15.39 3.89 -25.07
C ASP A 118 -15.06 3.74 -23.57
N CYS A 119 -13.90 4.24 -23.15
CA CYS A 119 -13.51 4.29 -21.72
C CYS A 119 -14.65 4.89 -20.91
N LYS A 120 -14.86 4.40 -19.68
CA LYS A 120 -15.95 4.91 -18.85
C LYS A 120 -15.48 6.11 -17.98
N HIS A 121 -14.31 6.00 -17.39
CA HIS A 121 -13.81 7.08 -16.52
C HIS A 121 -12.31 7.20 -16.48
N VAL A 122 -11.81 8.42 -16.32
CA VAL A 122 -10.40 8.64 -16.35
C VAL A 122 -10.09 9.63 -15.22
N ILE A 123 -9.05 9.33 -14.46
CA ILE A 123 -8.58 10.20 -13.37
C ILE A 123 -7.13 10.60 -13.58
N ILE A 124 -6.90 11.92 -13.53
CA ILE A 124 -5.60 12.47 -13.80
C ILE A 124 -5.07 13.02 -12.48
N ILE A 125 -3.86 12.65 -12.05
CA ILE A 125 -3.42 13.14 -10.74
C ILE A 125 -2.14 13.97 -10.78
N PHE A 126 -1.49 14.01 -11.92
CA PHE A 126 -0.27 14.75 -12.07
C PHE A 126 -0.53 16.26 -12.27
N ASN A 127 0.34 17.07 -11.69
CA ASN A 127 0.11 18.50 -11.68
C ASN A 127 0.65 19.21 -12.90
N PRO A 128 0.13 20.42 -13.18
CA PRO A 128 -0.92 21.07 -12.40
C PRO A 128 -2.30 20.51 -12.81
N ALA A 129 -2.99 19.84 -11.89
CA ALA A 129 -4.20 19.06 -12.26
C ALA A 129 -5.36 19.83 -12.90
N ASP A 130 -5.51 21.12 -12.59
CA ASP A 130 -6.50 21.94 -13.31
C ASP A 130 -6.23 22.00 -14.82
N ILE A 131 -4.97 21.96 -15.19
CA ILE A 131 -4.61 22.05 -16.60
C ILE A 131 -4.60 20.65 -17.16
N THR A 132 -3.89 19.75 -16.48
CA THR A 132 -3.73 18.39 -17.02
C THR A 132 -5.05 17.67 -17.17
N GLY A 133 -5.89 17.79 -16.15
CA GLY A 133 -7.20 17.22 -16.25
C GLY A 133 -8.01 17.86 -17.38
N LEU A 134 -7.93 19.17 -17.56
CA LEU A 134 -8.78 19.82 -18.61
C LEU A 134 -8.27 19.44 -20.03
N VAL A 135 -6.96 19.41 -20.18
CA VAL A 135 -6.37 19.05 -21.47
C VAL A 135 -6.70 17.61 -21.79
N THR A 136 -6.56 16.73 -20.81
CA THR A 136 -6.95 15.34 -21.09
C THR A 136 -8.40 15.21 -21.53
N LEU A 137 -9.33 15.85 -20.80
CA LEU A 137 -10.74 15.85 -21.18
C LEU A 137 -10.94 16.30 -22.64
N ILE A 138 -10.34 17.43 -22.98
CA ILE A 138 -10.51 18.01 -24.31
C ILE A 138 -10.00 17.10 -25.45
N TYR A 139 -8.77 16.60 -25.30
CA TYR A 139 -8.22 15.70 -26.31
C TYR A 139 -8.80 14.27 -26.32
N SER A 140 -9.39 13.83 -25.21
CA SER A 140 -9.85 12.45 -25.10
C SER A 140 -11.16 12.24 -25.85
N GLY A 141 -11.91 13.31 -26.07
CA GLY A 141 -13.25 13.22 -26.69
C GLY A 141 -14.33 12.74 -25.73
N LEU A 142 -14.00 12.55 -24.45
CA LEU A 142 -14.97 12.00 -23.51
C LEU A 142 -15.93 13.12 -23.05
N LYS A 143 -17.07 12.74 -22.45
CA LYS A 143 -17.97 13.70 -21.78
C LYS A 143 -17.35 14.27 -20.49
N PRO A 144 -17.81 15.46 -20.06
CA PRO A 144 -17.27 16.02 -18.79
C PRO A 144 -17.48 15.11 -17.58
N SER A 145 -18.57 14.34 -17.57
CA SER A 145 -18.81 13.45 -16.47
C SER A 145 -17.80 12.28 -16.37
N GLN A 146 -16.93 12.13 -17.36
CA GLN A 146 -16.06 10.97 -17.41
C GLN A 146 -14.63 11.24 -16.94
N VAL A 147 -14.30 12.48 -16.62
CA VAL A 147 -12.93 12.81 -16.21
C VAL A 147 -12.89 13.57 -14.91
N THR A 148 -12.08 13.12 -13.94
CA THR A 148 -11.86 13.83 -12.67
C THR A 148 -10.37 13.94 -12.38
N THR A 149 -10.02 14.82 -11.43
CA THR A 149 -8.67 14.87 -10.92
C THR A 149 -8.68 14.68 -9.41
N LEU A 150 -7.58 14.14 -8.87
CA LEU A 150 -7.35 14.11 -7.43
C LEU A 150 -7.26 15.55 -6.90
N ALA A 151 -8.15 15.89 -5.96
CA ALA A 151 -8.22 17.19 -5.38
C ALA A 151 -8.59 17.14 -3.90
N GLY A 152 -8.66 15.93 -3.31
CA GLY A 152 -9.22 15.76 -1.94
C GLY A 152 -8.18 15.93 -0.82
N LEU A 153 -6.90 15.88 -1.18
CA LEU A 153 -5.84 15.93 -0.15
C LEU A 153 -5.85 17.22 0.64
N ASP A 154 -6.27 18.33 0.04
CA ASP A 154 -6.34 19.58 0.81
C ASP A 154 -7.39 19.42 1.92
N SER A 155 -8.48 18.71 1.59
CA SER A 155 -9.54 18.48 2.57
C SER A 155 -9.16 17.48 3.69
N THR A 156 -8.42 16.42 3.36
CA THR A 156 -8.02 15.42 4.39
C THR A 156 -6.92 16.02 5.23
N ARG A 157 -6.10 16.87 4.63
CA ARG A 157 -5.04 17.51 5.40
C ARG A 157 -5.69 18.54 6.34
N LEU A 158 -6.67 19.28 5.85
CA LEU A 158 -7.37 20.19 6.77
C LEU A 158 -8.01 19.42 7.94
N GLN A 159 -8.62 18.30 7.64
CA GLN A 159 -9.20 17.45 8.68
C GLN A 159 -8.15 17.02 9.69
N SER A 160 -7.04 16.54 9.19
CA SER A 160 -5.96 16.10 10.08
C SER A 160 -5.42 17.24 10.96
N GLU A 161 -5.12 18.37 10.35
CA GLU A 161 -4.57 19.51 11.07
C GLU A 161 -5.53 20.01 12.14
N LEU A 162 -6.85 20.06 11.84
CA LEU A 162 -7.88 20.39 12.85
C LEU A 162 -7.95 19.37 13.99
N ALA A 163 -7.91 18.07 13.65
CA ALA A 163 -7.93 17.06 14.70
C ALA A 163 -6.69 17.13 15.60
N LYS A 164 -5.52 17.40 15.03
CA LYS A 164 -4.31 17.60 15.83
C LYS A 164 -4.41 18.80 16.77
N HIS A 165 -4.88 19.94 16.25
CA HIS A 165 -5.08 21.15 17.06
C HIS A 165 -5.96 20.88 18.27
N PHE A 166 -7.06 20.18 18.05
CA PHE A 166 -8.07 19.96 19.11
C PHE A 166 -7.75 18.72 19.94
N GLY A 167 -6.72 17.98 19.50
CA GLY A 167 -6.31 16.80 20.23
C GLY A 167 -7.40 15.75 20.23
N ILE A 168 -8.14 15.60 19.13
CA ILE A 168 -9.18 14.58 19.07
C ILE A 168 -9.01 13.60 17.91
N LYS A 169 -9.73 12.50 17.99
CA LYS A 169 -9.67 11.54 16.89
C LYS A 169 -10.08 12.17 15.53
N GLN A 170 -9.28 11.93 14.50
CA GLN A 170 -9.47 12.65 13.25
C GLN A 170 -10.87 12.61 12.65
N SER A 171 -11.52 11.45 12.70
CA SER A 171 -12.86 11.24 12.11
C SER A 171 -13.91 12.09 12.76
N LEU A 172 -13.59 12.67 13.92
CA LEU A 172 -14.56 13.52 14.64
C LEU A 172 -14.63 14.92 14.06
N VAL A 173 -13.71 15.25 13.16
CA VAL A 173 -13.79 16.54 12.44
C VAL A 173 -14.51 16.20 11.11
N THR A 174 -15.73 16.68 10.92
CA THR A 174 -16.50 16.14 9.83
C THR A 174 -16.67 17.20 8.75
N ASN A 175 -16.78 16.77 7.49
CA ASN A 175 -17.12 17.68 6.39
C ASN A 175 -16.16 18.86 6.21
N THR A 176 -14.85 18.60 6.30
CA THR A 176 -13.86 19.64 6.04
C THR A 176 -13.74 19.74 4.53
N ARG A 177 -13.76 20.94 4.01
CA ARG A 177 -13.84 21.13 2.57
C ARG A 177 -12.98 22.29 2.12
N THR A 178 -12.13 22.06 1.10
CA THR A 178 -11.57 23.15 0.34
C THR A 178 -12.04 22.96 -1.12
N TYR A 179 -12.29 24.06 -1.81
CA TYR A 179 -12.66 24.03 -3.22
C TYR A 179 -11.73 24.93 -4.05
N GLY A 180 -11.90 24.87 -5.38
CA GLY A 180 -11.09 25.72 -6.30
C GLY A 180 -9.81 25.07 -6.77
N GLY A 181 -8.68 25.74 -6.50
CA GLY A 181 -7.34 25.25 -6.88
C GLY A 181 -6.78 24.53 -5.69
N HIS A 182 -5.49 24.20 -5.73
CA HIS A 182 -4.84 23.56 -4.60
C HIS A 182 -3.70 24.37 -4.00
N GLY A 183 -3.23 23.90 -2.85
CA GLY A 183 -2.19 24.56 -2.10
C GLY A 183 -2.53 26.04 -1.93
N GLU A 184 -1.67 26.87 -2.48
CA GLU A 184 -1.79 28.30 -2.26
C GLU A 184 -3.07 28.80 -2.87
N GLN A 185 -3.61 28.07 -3.84
CA GLN A 185 -4.86 28.52 -4.48
C GLN A 185 -6.11 27.82 -3.96
N MET A 186 -5.99 27.12 -2.85
CA MET A 186 -7.20 26.47 -2.34
C MET A 186 -8.10 27.53 -1.73
N ALA A 187 -9.40 27.28 -1.74
CA ALA A 187 -10.40 28.09 -1.03
C ALA A 187 -11.05 27.24 0.08
N VAL A 188 -10.74 27.57 1.33
CA VAL A 188 -11.26 26.87 2.49
C VAL A 188 -12.70 27.32 2.79
N PHE A 189 -13.63 26.38 2.75
CA PHE A 189 -15.03 26.65 3.12
C PHE A 189 -15.30 26.18 4.53
N ALA A 190 -14.78 26.92 5.50
CA ALA A 190 -14.93 26.50 6.93
C ALA A 190 -16.40 26.38 7.38
N SER A 191 -17.28 27.11 6.74
CA SER A 191 -18.68 26.94 7.09
C SER A 191 -19.21 25.49 6.93
N THR A 192 -18.54 24.60 6.20
CA THR A 192 -19.03 23.25 6.01
C THR A 192 -18.71 22.33 7.18
N ALA A 193 -17.71 22.68 7.98
CA ALA A 193 -17.11 21.72 8.90
C ALA A 193 -17.63 21.78 10.35
N LYS A 194 -17.56 20.64 11.03
CA LYS A 194 -17.83 20.57 12.47
C LYS A 194 -16.70 19.87 13.17
N VAL A 195 -16.45 20.26 14.41
CA VAL A 195 -15.42 19.64 15.20
C VAL A 195 -16.07 18.93 16.37
N ASN A 196 -16.20 17.61 16.27
CA ASN A 196 -16.96 16.85 17.28
C ASN A 196 -18.34 17.44 17.50
N GLY A 197 -19.04 17.78 16.41
CA GLY A 197 -20.39 18.30 16.50
C GLY A 197 -20.57 19.82 16.52
N THR A 198 -19.57 20.54 16.97
CA THR A 198 -19.57 22.01 16.99
C THR A 198 -19.06 22.62 15.67
N PRO A 199 -19.87 23.49 15.03
CA PRO A 199 -19.47 24.12 13.78
C PRO A 199 -18.11 24.76 13.92
N LEU A 200 -17.25 24.51 12.95
CA LEU A 200 -15.94 25.11 12.94
C LEU A 200 -16.01 26.65 13.03
N THR A 201 -17.06 27.23 12.45
CA THR A 201 -17.09 28.69 12.40
C THR A 201 -17.47 29.28 13.76
N ASP A 202 -17.97 28.46 14.67
CA ASP A 202 -18.17 28.86 16.06
C ASP A 202 -16.89 28.80 16.86
N LEU A 203 -15.85 28.16 16.33
CA LEU A 203 -14.62 27.99 17.10
C LEU A 203 -13.53 28.92 16.65
N ILE A 204 -13.49 29.22 15.35
CA ILE A 204 -12.45 30.12 14.80
C ILE A 204 -12.53 31.52 15.42
N GLY A 205 -11.41 32.02 15.94
CA GLY A 205 -11.37 33.33 16.59
C GLY A 205 -11.79 33.33 18.05
N THR A 206 -11.89 32.14 18.65
CA THR A 206 -12.13 32.00 20.09
C THR A 206 -10.86 31.52 20.77
N ASP A 207 -10.90 31.40 22.10
CA ASP A 207 -9.74 30.90 22.84
C ASP A 207 -9.32 29.48 22.44
N LYS A 208 -10.23 28.74 21.82
CA LYS A 208 -9.96 27.36 21.42
C LYS A 208 -9.25 27.25 20.05
N LEU A 209 -9.29 28.34 19.30
CA LEU A 209 -8.64 28.38 17.99
C LEU A 209 -8.56 29.83 17.63
N THR A 210 -7.42 30.45 17.96
CA THR A 210 -7.32 31.87 17.82
C THR A 210 -7.16 32.19 16.35
N ASN A 211 -7.37 33.46 16.03
CA ASN A 211 -7.14 33.96 14.71
C ASN A 211 -5.80 33.51 14.16
N GLU A 212 -4.73 33.70 14.93
CA GLU A 212 -3.38 33.39 14.44
C GLU A 212 -3.14 31.90 14.32
N GLN A 213 -3.72 31.12 15.24
CA GLN A 213 -3.58 29.66 15.13
C GLN A 213 -4.28 29.15 13.85
N TRP A 214 -5.43 29.73 13.53
CA TRP A 214 -6.16 29.30 12.34
C TRP A 214 -5.33 29.63 11.09
N ALA A 215 -4.78 30.83 11.02
CA ALA A 215 -3.90 31.17 9.89
C ALA A 215 -2.74 30.17 9.79
N GLU A 216 -2.12 29.85 10.92
CA GLU A 216 -0.98 28.94 10.90
C GLU A 216 -1.45 27.53 10.49
N LEU A 217 -2.61 27.13 10.98
CA LEU A 217 -3.17 25.82 10.64
C LEU A 217 -3.44 25.73 9.13
N LYS A 218 -4.10 26.74 8.57
CA LYS A 218 -4.32 26.77 7.13
C LYS A 218 -3.02 26.69 6.34
N GLN A 219 -1.99 27.39 6.83
CA GLN A 219 -0.70 27.37 6.17
C GLN A 219 -0.05 25.97 6.24
N ARG A 220 -0.31 25.20 7.30
CA ARG A 220 0.24 23.83 7.34
C ARG A 220 -0.45 22.94 6.31
N VAL A 221 -1.70 23.25 5.98
CA VAL A 221 -2.39 22.57 4.88
C VAL A 221 -1.80 22.96 3.54
N VAL A 222 -1.71 24.27 3.28
CA VAL A 222 -1.07 24.77 2.05
C VAL A 222 0.31 24.15 1.76
N LYS A 223 1.13 24.06 2.81
CA LYS A 223 2.49 23.52 2.73
C LYS A 223 2.56 22.02 3.07
N GLY A 224 1.41 21.35 3.05
CA GLY A 224 1.37 19.93 3.45
C GLY A 224 2.28 19.03 2.63
N GLY A 225 2.35 19.26 1.32
CA GLY A 225 3.25 18.47 0.43
C GLY A 225 4.76 18.69 0.64
N ALA A 226 5.17 19.95 0.78
CA ALA A 226 6.51 20.28 1.26
C ALA A 226 6.87 19.65 2.59
N ASN A 227 5.92 19.63 3.52
CA ASN A 227 6.16 19.04 4.83
C ASN A 227 6.43 17.51 4.69
N ILE A 228 5.60 16.80 3.91
CA ILE A 228 5.88 15.36 3.70
C ILE A 228 7.32 15.20 3.15
N ILE A 229 7.68 16.03 2.18
CA ILE A 229 9.03 15.94 1.59
C ILE A 229 10.12 16.14 2.64
N LYS A 230 9.89 17.08 3.54
CA LYS A 230 10.89 17.41 4.55
C LYS A 230 10.96 16.23 5.54
N LEU A 231 9.84 15.56 5.76
CA LEU A 231 9.85 14.52 6.79
C LEU A 231 10.21 13.14 6.23
N ARG A 232 9.67 12.80 5.04
CA ARG A 232 9.92 11.51 4.42
C ARG A 232 11.13 11.49 3.52
N GLY A 233 11.59 12.65 3.06
CA GLY A 233 12.71 12.67 2.13
C GLY A 233 12.29 12.47 0.68
N ARG A 234 10.98 12.35 0.42
CA ARG A 234 10.46 12.28 -0.96
C ARG A 234 9.04 12.81 -0.94
N SER A 235 8.46 13.06 -2.11
CA SER A 235 7.06 13.50 -2.19
C SER A 235 6.10 12.43 -1.66
N SER A 236 4.93 12.86 -1.20
CA SER A 236 3.89 11.92 -0.77
C SER A 236 3.57 10.90 -1.87
N PHE A 237 3.34 9.66 -1.49
CA PHE A 237 2.96 8.66 -2.51
C PHE A 237 1.87 7.74 -2.03
N GLN A 238 1.78 7.55 -0.73
CA GLN A 238 0.75 6.66 -0.26
C GLN A 238 -0.62 7.36 -0.22
N SER A 239 -0.68 8.61 0.26
CA SER A 239 -2.00 9.24 0.29
C SER A 239 -2.60 9.58 -1.10
N PRO A 240 -1.80 10.16 -2.03
CA PRO A 240 -2.36 10.42 -3.33
C PRO A 240 -2.79 9.12 -3.99
N SER A 241 -2.06 8.06 -3.74
CA SER A 241 -2.38 6.76 -4.33
C SER A 241 -3.70 6.26 -3.79
N TYR A 242 -3.78 6.11 -2.47
CA TYR A 242 -4.97 5.54 -1.87
C TYR A 242 -6.24 6.36 -2.25
N VAL A 243 -6.14 7.68 -2.18
CA VAL A 243 -7.34 8.51 -2.40
C VAL A 243 -7.84 8.41 -3.87
N SER A 244 -6.88 8.48 -4.80
CA SER A 244 -7.16 8.28 -6.22
C SER A 244 -7.83 6.93 -6.48
N ILE A 245 -7.32 5.90 -5.85
CA ILE A 245 -7.95 4.59 -6.10
C ILE A 245 -9.34 4.49 -5.46
N GLU A 246 -9.55 5.15 -4.33
CA GLU A 246 -10.92 5.22 -3.81
C GLU A 246 -11.78 5.91 -4.83
N MET A 247 -11.24 6.95 -5.51
CA MET A 247 -12.06 7.62 -6.56
C MET A 247 -12.45 6.66 -7.70
N ILE A 248 -11.50 5.92 -8.26
CA ILE A 248 -11.83 5.01 -9.38
C ILE A 248 -12.77 3.86 -8.89
N ARG A 249 -12.60 3.42 -7.67
CA ARG A 249 -13.59 2.49 -7.12
C ARG A 249 -15.03 3.03 -7.18
N ALA A 250 -15.24 4.30 -6.83
CA ALA A 250 -16.56 4.92 -6.90
C ALA A 250 -17.06 4.96 -8.33
N ALA A 251 -16.20 5.35 -9.26
CA ALA A 251 -16.58 5.39 -10.67
C ALA A 251 -16.93 4.02 -11.22
N MET A 252 -16.40 2.97 -10.59
CA MET A 252 -16.63 1.60 -11.07
C MET A 252 -17.89 1.00 -10.42
N GLY A 253 -18.61 1.81 -9.63
CA GLY A 253 -19.87 1.41 -9.01
C GLY A 253 -19.74 0.88 -7.60
N GLY A 254 -18.54 1.02 -7.03
CA GLY A 254 -18.30 0.67 -5.65
C GLY A 254 -18.76 1.74 -4.69
N GLU A 255 -18.22 1.65 -3.49
CA GLU A 255 -18.46 2.57 -2.40
C GLU A 255 -18.25 4.03 -2.88
N ALA A 256 -19.13 4.94 -2.48
CA ALA A 256 -19.01 6.33 -2.88
C ALA A 256 -17.78 6.99 -2.30
N PHE A 257 -17.32 8.00 -3.01
CA PHE A 257 -16.13 8.72 -2.59
C PHE A 257 -16.53 10.03 -1.86
N ARG A 258 -16.06 10.22 -0.63
CA ARG A 258 -16.58 11.32 0.21
C ARG A 258 -15.74 12.57 0.38
N TRP A 259 -15.05 13.01 -0.67
CA TRP A 259 -14.18 14.20 -0.59
C TRP A 259 -14.34 14.91 -1.93
N PRO A 260 -14.01 16.17 -1.98
CA PRO A 260 -13.98 16.93 -3.25
C PRO A 260 -13.09 16.25 -4.33
N ALA A 261 -13.51 16.34 -5.59
CA ALA A 261 -12.68 15.90 -6.73
C ALA A 261 -12.62 17.07 -7.70
N GLY A 262 -11.61 17.08 -8.55
CA GLY A 262 -11.57 18.05 -9.65
C GLY A 262 -12.50 17.62 -10.77
N CYS A 263 -13.32 18.54 -11.26
CA CYS A 263 -14.17 18.24 -12.35
C CYS A 263 -14.43 19.48 -13.19
N TYR A 264 -14.98 19.26 -14.39
CA TYR A 264 -15.24 20.34 -15.33
C TYR A 264 -16.41 21.16 -14.79
N VAL A 265 -16.25 22.49 -14.85
CA VAL A 265 -17.26 23.45 -14.38
C VAL A 265 -17.43 24.47 -15.50
N ASN A 266 -18.67 24.77 -15.88
CA ASN A 266 -18.82 25.88 -16.83
C ASN A 266 -20.14 26.53 -16.55
N VAL A 267 -20.17 27.50 -15.64
CA VAL A 267 -21.41 28.16 -15.27
C VAL A 267 -21.15 29.65 -15.14
N PRO A 268 -22.22 30.47 -15.11
CA PRO A 268 -21.92 31.89 -15.01
C PRO A 268 -21.01 32.19 -13.83
N GLY A 269 -19.98 33.01 -14.02
CA GLY A 269 -19.04 33.37 -12.94
C GLY A 269 -17.86 32.43 -12.81
N PHE A 270 -18.02 31.21 -13.30
CA PHE A 270 -16.94 30.20 -13.25
C PHE A 270 -16.89 29.43 -14.59
N GLU A 271 -16.47 30.10 -15.66
CA GLU A 271 -16.67 29.53 -16.99
C GLU A 271 -15.49 28.67 -17.41
N HIS A 272 -15.76 27.55 -18.10
CA HIS A 272 -14.68 26.87 -18.89
C HIS A 272 -13.45 26.53 -18.09
N ILE A 273 -13.62 25.69 -17.06
CA ILE A 273 -12.51 25.46 -16.15
C ILE A 273 -12.60 24.10 -15.51
N MET A 274 -11.52 23.63 -14.91
CA MET A 274 -11.60 22.43 -14.02
C MET A 274 -11.22 22.91 -12.63
N MET A 275 -12.06 22.60 -11.62
CA MET A 275 -11.86 23.05 -10.24
C MET A 275 -12.23 21.91 -9.30
N ALA A 276 -11.63 21.88 -8.10
CA ALA A 276 -12.09 21.06 -6.97
C ALA A 276 -13.47 21.56 -6.58
N MET A 277 -14.43 20.65 -6.52
CA MET A 277 -15.83 20.98 -6.33
C MET A 277 -16.48 20.02 -5.36
N GLU A 278 -17.71 20.30 -4.97
CA GLU A 278 -18.50 19.34 -4.18
C GLU A 278 -19.11 18.32 -5.11
N THR A 279 -18.40 17.21 -5.26
CA THR A 279 -18.70 16.26 -6.30
C THR A 279 -19.20 14.96 -5.71
N THR A 280 -19.94 14.19 -6.52
CA THR A 280 -20.17 12.80 -6.22
C THR A 280 -19.82 12.02 -7.49
N ILE A 281 -19.03 10.98 -7.29
CA ILE A 281 -18.60 10.13 -8.35
C ILE A 281 -19.34 8.83 -8.15
N THR A 282 -20.07 8.40 -9.18
CA THR A 282 -20.77 7.12 -9.09
C THR A 282 -20.51 6.35 -10.40
N LYS A 283 -21.19 5.23 -10.60
CA LYS A 283 -21.11 4.51 -11.86
C LYS A 283 -21.49 5.39 -13.03
N ASP A 284 -22.23 6.46 -12.76
CA ASP A 284 -22.62 7.38 -13.83
C ASP A 284 -21.65 8.51 -14.03
N GLY A 285 -20.49 8.45 -13.36
CA GLY A 285 -19.49 9.50 -13.50
C GLY A 285 -19.53 10.55 -12.41
N VAL A 286 -19.00 11.74 -12.72
CA VAL A 286 -18.98 12.80 -11.72
C VAL A 286 -20.05 13.87 -11.99
N LYS A 287 -20.64 14.39 -10.94
CA LYS A 287 -21.42 15.63 -11.03
C LYS A 287 -21.06 16.56 -9.86
N HIS A 288 -21.26 17.86 -10.03
CA HIS A 288 -21.01 18.75 -8.94
C HIS A 288 -22.27 19.48 -8.51
N SER A 289 -22.28 19.91 -7.26
CA SER A 289 -23.44 20.62 -6.73
C SER A 289 -23.47 22.07 -7.25
N ASP A 290 -24.54 22.77 -6.94
CA ASP A 290 -24.76 24.12 -7.42
C ASP A 290 -23.80 25.12 -6.75
N ILE A 291 -22.91 25.71 -7.52
CA ILE A 291 -21.87 26.56 -6.94
C ILE A 291 -22.52 27.71 -6.21
N ASN A 292 -23.65 28.15 -6.72
CA ASN A 292 -24.25 29.35 -6.16
C ASN A 292 -24.80 29.11 -4.78
N GLN A 293 -24.93 27.85 -4.39
CA GLN A 293 -25.42 27.53 -3.05
C GLN A 293 -24.30 27.00 -2.15
N LEU A 294 -23.05 27.03 -2.63
CA LEU A 294 -21.94 26.55 -1.80
C LEU A 294 -21.53 27.54 -0.75
N GLY A 295 -21.43 27.08 0.50
CA GLY A 295 -20.96 27.93 1.58
C GLY A 295 -21.72 29.25 1.68
N ASN A 296 -21.04 30.31 2.09
CA ASN A 296 -21.62 31.64 2.12
C ASN A 296 -21.03 32.59 1.11
N GLU A 297 -21.49 33.83 1.13
CA GLU A 297 -21.03 34.76 0.09
C GLU A 297 -19.56 35.04 0.15
N ALA A 298 -19.00 35.24 1.34
CA ALA A 298 -17.57 35.44 1.46
C ALA A 298 -16.72 34.28 0.94
N GLU A 299 -17.13 33.05 1.25
CA GLU A 299 -16.40 31.89 0.75
C GLU A 299 -16.48 31.81 -0.77
N ARG A 300 -17.66 32.08 -1.33
CA ARG A 300 -17.79 32.09 -2.81
C ARG A 300 -16.88 33.13 -3.45
N ALA A 301 -16.66 34.24 -2.74
CA ALA A 301 -15.71 35.25 -3.28
C ALA A 301 -14.27 34.76 -3.24
N ALA A 302 -13.94 33.99 -2.22
CA ALA A 302 -12.62 33.40 -2.14
C ALA A 302 -12.47 32.39 -3.29
N LEU A 303 -13.53 31.63 -3.54
CA LEU A 303 -13.59 30.66 -4.65
C LEU A 303 -13.41 31.37 -6.01
N LYS A 304 -14.02 32.52 -6.16
CA LYS A 304 -13.87 33.33 -7.38
C LYS A 304 -12.41 33.77 -7.56
N GLU A 305 -11.75 34.18 -6.47
CA GLU A 305 -10.34 34.49 -6.48
C GLU A 305 -9.49 33.32 -7.01
N SER A 306 -9.71 32.13 -6.44
CA SER A 306 -9.05 30.91 -6.91
C SER A 306 -9.39 30.67 -8.41
N TYR A 307 -10.66 30.82 -8.75
CA TYR A 307 -11.10 30.69 -10.15
C TYR A 307 -10.23 31.60 -11.06
N SER A 308 -10.03 32.87 -10.66
CA SER A 308 -9.29 33.82 -11.50
C SER A 308 -7.84 33.40 -11.78
N HIS A 309 -7.20 32.81 -10.79
CA HIS A 309 -5.84 32.33 -11.01
C HIS A 309 -5.85 31.12 -11.95
N LEU A 310 -6.86 30.25 -11.80
CA LEU A 310 -6.94 29.06 -12.65
C LEU A 310 -7.17 29.45 -14.11
N ALA A 311 -8.03 30.45 -14.31
CA ALA A 311 -8.40 30.97 -15.62
C ALA A 311 -7.19 31.61 -16.29
N LYS A 312 -6.36 32.30 -15.53
CA LYS A 312 -5.11 32.78 -16.11
C LYS A 312 -4.17 31.68 -16.60
N LEU A 313 -4.08 30.59 -15.84
CA LEU A 313 -3.22 29.47 -16.25
C LEU A 313 -3.80 28.76 -17.50
N ARG A 314 -5.11 28.56 -17.50
CA ARG A 314 -5.78 28.01 -18.67
C ARG A 314 -5.44 28.83 -19.93
N ASP A 315 -5.47 30.16 -19.81
CA ASP A 315 -5.22 31.02 -20.97
C ASP A 315 -3.75 30.97 -21.45
N GLU A 316 -2.80 30.80 -20.55
CA GLU A 316 -1.43 30.50 -20.95
C GLU A 316 -1.35 29.26 -21.86
N VAL A 317 -2.00 28.18 -21.46
CA VAL A 317 -1.96 26.96 -22.22
C VAL A 317 -2.73 27.04 -23.55
N ILE A 318 -3.77 27.87 -23.60
CA ILE A 318 -4.40 28.21 -24.89
C ILE A 318 -3.36 28.92 -25.74
N ALA A 319 -2.58 29.82 -25.14
CA ALA A 319 -1.61 30.63 -25.90
C ALA A 319 -0.49 29.78 -26.50
N MET A 320 -0.20 28.66 -25.84
CA MET A 320 0.82 27.73 -26.30
C MET A 320 0.21 26.94 -27.47
N GLY A 321 -1.06 27.15 -27.76
CA GLY A 321 -1.73 26.36 -28.82
C GLY A 321 -2.12 24.91 -28.49
N ILE A 322 -2.11 24.55 -27.21
CA ILE A 322 -2.34 23.17 -26.80
C ILE A 322 -3.82 22.95 -26.51
N ILE A 323 -4.37 23.88 -25.73
CA ILE A 323 -5.80 23.95 -25.51
C ILE A 323 -6.36 24.85 -26.63
N PRO A 324 -7.43 24.41 -27.32
CA PRO A 324 -7.99 25.25 -28.38
C PRO A 324 -8.64 26.50 -27.81
N ALA A 325 -8.82 27.52 -28.65
CA ALA A 325 -9.63 28.69 -28.30
C ALA A 325 -10.91 28.28 -27.64
N ILE A 326 -11.29 28.98 -26.59
CA ILE A 326 -12.50 28.56 -25.89
C ILE A 326 -13.69 28.53 -26.87
N ALA A 327 -13.72 29.50 -27.78
CA ALA A 327 -14.81 29.61 -28.74
C ALA A 327 -14.95 28.37 -29.63
N ASP A 328 -13.88 27.57 -29.70
CA ASP A 328 -13.85 26.40 -30.53
C ASP A 328 -14.20 25.08 -29.80
N TRP A 329 -14.35 25.11 -28.48
CA TRP A 329 -14.61 23.88 -27.74
C TRP A 329 -15.89 23.20 -28.23
N LEU B 3 -16.20 -3.02 6.20
CA LEU B 3 -16.83 -3.81 7.31
C LEU B 3 -16.51 -3.13 8.62
N SER B 4 -16.93 -3.71 9.75
CA SER B 4 -16.53 -3.25 11.07
C SER B 4 -15.07 -3.61 11.36
N TYR B 5 -14.46 -2.88 12.27
CA TYR B 5 -13.08 -3.21 12.66
C TYR B 5 -13.06 -4.57 13.28
N LEU B 6 -11.99 -5.31 13.06
CA LEU B 6 -11.94 -6.70 13.50
C LEU B 6 -11.86 -6.77 15.01
N THR B 7 -11.20 -5.78 15.63
CA THR B 7 -11.04 -5.79 17.07
C THR B 7 -10.73 -4.39 17.52
N GLU B 8 -10.82 -4.13 18.83
CA GLU B 8 -10.38 -2.83 19.35
C GLU B 8 -8.98 -2.91 19.94
N GLU B 9 -8.46 -4.11 20.08
CA GLU B 9 -7.15 -4.28 20.69
C GLU B 9 -6.05 -3.56 19.87
N LYS B 10 -5.02 -3.11 20.57
CA LYS B 10 -3.94 -2.35 19.96
C LYS B 10 -3.00 -3.24 19.13
N LEU B 11 -2.67 -2.72 17.93
CA LEU B 11 -1.70 -3.33 17.04
C LEU B 11 -0.54 -2.33 16.88
N THR B 12 0.66 -2.78 17.17
CA THR B 12 1.85 -1.94 17.02
C THR B 12 2.78 -2.42 15.92
N ILE B 13 3.11 -1.50 15.02
CA ILE B 13 4.08 -1.80 13.96
C ILE B 13 5.40 -1.26 14.39
N VAL B 14 6.41 -2.13 14.50
CA VAL B 14 7.77 -1.68 14.82
C VAL B 14 8.52 -1.56 13.50
N GLY B 15 9.26 -0.47 13.29
CA GLY B 15 9.98 -0.21 12.01
C GLY B 15 9.12 0.55 11.03
N ALA B 16 8.22 1.38 11.56
CA ALA B 16 7.12 1.97 10.81
C ALA B 16 7.58 3.11 9.89
N ALA B 17 8.76 3.66 10.12
CA ALA B 17 9.24 4.79 9.29
C ALA B 17 9.73 4.35 7.92
N GLY B 18 10.15 3.09 7.83
CA GLY B 18 10.64 2.50 6.61
C GLY B 18 9.65 2.21 5.50
N MET B 19 10.17 1.79 4.34
CA MET B 19 9.30 1.48 3.19
C MET B 19 8.39 0.29 3.48
N ILE B 20 8.92 -0.72 4.15
CA ILE B 20 8.08 -1.85 4.50
C ILE B 20 7.07 -1.44 5.59
N GLY B 21 7.58 -0.83 6.66
CA GLY B 21 6.70 -0.46 7.78
C GLY B 21 5.58 0.49 7.37
N SER B 22 5.88 1.42 6.49
CA SER B 22 4.90 2.45 6.13
C SER B 22 3.80 1.80 5.28
N ASN B 23 4.21 0.84 4.45
CA ASN B 23 3.26 0.12 3.64
C ASN B 23 2.41 -0.77 4.57
N MET B 24 3.03 -1.33 5.61
CA MET B 24 2.30 -2.11 6.60
C MET B 24 1.22 -1.29 7.28
N ALA B 25 1.54 -0.02 7.57
CA ALA B 25 0.60 0.88 8.23
C ALA B 25 -0.62 1.08 7.33
N GLN B 26 -0.36 1.40 6.06
CA GLN B 26 -1.49 1.56 5.16
C GLN B 26 -2.32 0.26 5.01
N THR B 27 -1.66 -0.89 4.91
CA THR B 27 -2.37 -2.15 4.69
C THR B 27 -3.25 -2.48 5.89
N ALA B 28 -2.70 -2.30 7.08
CA ALA B 28 -3.44 -2.59 8.33
C ALA B 28 -4.63 -1.67 8.46
N ALA B 29 -4.47 -0.39 8.12
CA ALA B 29 -5.59 0.54 8.14
C ALA B 29 -6.63 0.14 7.10
N MET B 30 -6.21 -0.18 5.88
CA MET B 30 -7.16 -0.58 4.87
C MET B 30 -7.97 -1.81 5.28
N MET B 31 -7.29 -2.77 5.90
CA MET B 31 -7.93 -4.01 6.34
C MET B 31 -8.85 -3.85 7.54
N ARG B 32 -8.83 -2.67 8.15
CA ARG B 32 -9.66 -2.39 9.34
C ARG B 32 -9.49 -3.44 10.40
N LEU B 33 -8.23 -3.72 10.71
CA LEU B 33 -7.88 -4.68 11.72
C LEU B 33 -8.23 -4.10 13.08
N THR B 34 -7.75 -2.89 13.35
CA THR B 34 -8.07 -2.21 14.61
C THR B 34 -8.06 -0.70 14.43
N PRO B 35 -8.94 0.06 15.12
CA PRO B 35 -8.75 1.52 15.03
C PRO B 35 -7.46 1.90 15.75
N ASN B 36 -7.01 1.06 16.68
CA ASN B 36 -5.88 1.43 17.54
C ASN B 36 -4.54 0.96 17.01
N LEU B 37 -4.10 1.62 15.95
CA LEU B 37 -2.91 1.23 15.19
C LEU B 37 -1.81 2.17 15.65
N CYS B 38 -0.71 1.61 16.15
CA CYS B 38 0.34 2.40 16.75
C CYS B 38 1.62 2.18 15.96
N LEU B 39 2.25 3.27 15.52
CA LEU B 39 3.47 3.21 14.70
C LEU B 39 4.69 3.59 15.54
N TYR B 40 5.67 2.67 15.63
CA TYR B 40 6.92 2.89 16.36
C TYR B 40 8.15 2.85 15.44
N ASP B 41 9.06 3.79 15.65
CA ASP B 41 10.33 3.75 14.99
C ASP B 41 11.20 4.75 15.76
N PRO B 42 12.49 4.41 15.93
CA PRO B 42 13.45 5.34 16.58
C PRO B 42 13.78 6.56 15.72
N PHE B 43 13.47 6.50 14.43
CA PHE B 43 13.76 7.63 13.55
C PHE B 43 12.52 8.53 13.49
N ALA B 44 12.48 9.51 14.39
CA ALA B 44 11.23 10.22 14.70
C ALA B 44 10.77 11.08 13.54
N VAL B 45 11.71 11.68 12.81
CA VAL B 45 11.31 12.54 11.70
C VAL B 45 10.67 11.73 10.56
N GLY B 46 11.32 10.65 10.18
CA GLY B 46 10.81 9.75 9.16
C GLY B 46 9.45 9.22 9.61
N LEU B 47 9.31 8.89 10.89
CA LEU B 47 8.08 8.34 11.41
C LEU B 47 6.93 9.34 11.27
N GLU B 48 7.19 10.59 11.64
CA GLU B 48 6.14 11.59 11.57
C GLU B 48 5.61 11.74 10.13
N GLY B 49 6.51 11.65 9.16
CA GLY B 49 6.12 11.80 7.76
C GLY B 49 5.21 10.65 7.34
N VAL B 50 5.50 9.46 7.83
CA VAL B 50 4.64 8.28 7.56
C VAL B 50 3.29 8.50 8.22
N ALA B 51 3.26 8.92 9.50
CA ALA B 51 1.96 9.12 10.20
C ALA B 51 1.14 10.20 9.48
N GLU B 52 1.82 11.26 9.00
CA GLU B 52 1.12 12.30 8.23
C GLU B 52 0.47 11.75 6.96
N GLU B 53 1.23 10.98 6.18
CA GLU B 53 0.64 10.33 5.01
C GLU B 53 -0.56 9.48 5.35
N ILE B 54 -0.45 8.67 6.42
CA ILE B 54 -1.57 7.81 6.77
C ILE B 54 -2.79 8.68 7.14
N ARG B 55 -2.56 9.73 7.91
CA ARG B 55 -3.68 10.60 8.33
C ARG B 55 -4.37 11.23 7.09
N HIS B 56 -3.57 11.60 6.09
CA HIS B 56 -4.10 12.18 4.88
C HIS B 56 -4.84 11.21 3.95
N CYS B 57 -4.80 9.91 4.22
CA CYS B 57 -5.69 8.97 3.50
C CYS B 57 -7.14 9.09 3.94
N GLY B 58 -7.35 9.55 5.17
CA GLY B 58 -8.71 9.67 5.73
C GLY B 58 -9.41 8.35 6.02
N PHE B 59 -8.78 7.47 6.78
CA PHE B 59 -9.39 6.21 7.13
C PHE B 59 -10.41 6.47 8.23
N GLU B 60 -11.66 6.12 7.95
CA GLU B 60 -12.76 6.35 8.87
C GLU B 60 -12.55 5.57 10.16
N GLY B 61 -12.66 6.26 11.28
CA GLY B 61 -12.56 5.64 12.62
C GLY B 61 -11.17 5.29 13.11
N LEU B 62 -10.15 5.60 12.31
CA LEU B 62 -8.81 5.18 12.70
C LEU B 62 -8.35 6.04 13.85
N ASN B 63 -7.69 5.41 14.82
CA ASN B 63 -7.14 6.17 15.93
C ASN B 63 -5.62 6.02 15.94
N LEU B 64 -4.97 6.54 14.90
CA LEU B 64 -3.54 6.39 14.74
C LEU B 64 -2.73 7.11 15.82
N THR B 65 -1.69 6.42 16.34
CA THR B 65 -0.71 7.00 17.23
C THR B 65 0.66 6.68 16.68
N PHE B 66 1.63 7.50 17.03
CA PHE B 66 3.02 7.20 16.68
C PHE B 66 3.95 7.70 17.75
N THR B 67 5.11 7.07 17.84
CA THR B 67 6.01 7.31 18.93
C THR B 67 7.36 6.67 18.69
N SER B 68 8.37 7.29 19.29
CA SER B 68 9.71 6.73 19.23
C SER B 68 10.10 6.19 20.60
N ASP B 69 9.07 6.02 21.43
CA ASP B 69 9.26 5.52 22.79
C ASP B 69 8.72 4.12 22.87
N ILE B 70 9.61 3.15 23.08
CA ILE B 70 9.20 1.76 23.06
C ILE B 70 8.14 1.43 24.12
N LYS B 71 8.26 2.02 25.30
CA LYS B 71 7.28 1.75 26.35
C LYS B 71 5.89 2.20 25.95
N GLU B 72 5.80 3.39 25.37
CA GLU B 72 4.50 3.92 24.96
C GLU B 72 3.91 3.01 23.87
N ALA B 73 4.76 2.62 22.92
CA ALA B 73 4.35 1.79 21.77
C ALA B 73 3.88 0.39 22.20
N LEU B 74 4.60 -0.24 23.12
CA LEU B 74 4.25 -1.59 23.54
C LEU B 74 3.17 -1.65 24.64
N THR B 75 2.99 -0.58 25.38
CA THR B 75 1.91 -0.55 26.40
C THR B 75 0.52 -0.77 25.80
N ASP B 76 -0.20 -1.77 26.32
CA ASP B 76 -1.50 -2.17 25.81
C ASP B 76 -1.40 -2.88 24.45
N ALA B 77 -0.19 -3.03 23.89
CA ALA B 77 -0.08 -3.77 22.60
C ALA B 77 -0.55 -5.19 22.78
N LYS B 78 -1.44 -5.66 21.91
CA LYS B 78 -1.78 -7.09 21.91
C LYS B 78 -1.27 -7.82 20.68
N TYR B 79 -0.90 -7.06 19.64
CA TYR B 79 -0.37 -7.64 18.41
C TYR B 79 0.81 -6.79 17.99
N ILE B 80 1.86 -7.42 17.47
CA ILE B 80 3.05 -6.66 17.11
C ILE B 80 3.59 -7.24 15.83
N VAL B 81 3.90 -6.37 14.88
CA VAL B 81 4.63 -6.83 13.71
C VAL B 81 5.88 -6.00 13.63
N SER B 82 7.04 -6.64 13.51
CA SER B 82 8.30 -5.86 13.42
C SER B 82 9.09 -6.07 12.14
N SER B 83 9.34 -4.99 11.42
CA SER B 83 10.37 -5.04 10.39
C SER B 83 11.43 -4.10 10.88
N GLY B 84 11.67 -4.13 12.20
CA GLY B 84 12.62 -3.22 12.82
C GLY B 84 14.00 -3.87 13.03
N GLY B 85 14.68 -4.18 11.94
CA GLY B 85 16.01 -4.81 12.00
C GLY B 85 17.17 -3.82 12.16
N THR B 93 30.74 -7.12 8.54
CA THR B 93 30.81 -8.54 8.23
C THR B 93 29.44 -9.23 8.39
N ARG B 94 29.37 -10.49 7.96
CA ARG B 94 28.15 -11.28 8.08
C ARG B 94 27.92 -11.65 9.54
N GLU B 95 29.00 -11.89 10.27
CA GLU B 95 28.90 -12.21 11.69
C GLU B 95 28.40 -10.97 12.42
N ASP B 96 28.72 -9.79 11.90
CA ASP B 96 28.28 -8.57 12.56
C ASP B 96 26.82 -8.27 12.30
N LEU B 97 26.37 -8.47 11.07
CA LEU B 97 24.95 -8.33 10.74
C LEU B 97 24.13 -9.34 11.54
N LEU B 98 24.66 -10.56 11.67
CA LEU B 98 23.97 -11.62 12.41
C LEU B 98 23.79 -11.24 13.88
N LYS B 99 24.88 -10.82 14.51
CA LYS B 99 24.85 -10.43 15.91
C LYS B 99 23.96 -9.23 16.15
N GLY B 100 24.09 -8.23 15.29
CA GLY B 100 23.33 -7.00 15.43
C GLY B 100 21.85 -7.29 15.35
N ASN B 101 21.49 -8.17 14.43
CA ASN B 101 20.09 -8.47 14.30
C ASN B 101 19.60 -9.36 15.44
N ALA B 102 20.46 -10.29 15.85
CA ALA B 102 20.18 -11.11 17.03
C ALA B 102 19.96 -10.25 18.28
N GLU B 103 20.83 -9.25 18.48
CA GLU B 103 20.69 -8.33 19.62
C GLU B 103 19.44 -7.47 19.56
N ILE B 104 19.07 -6.98 18.39
CA ILE B 104 17.82 -6.22 18.37
C ILE B 104 16.62 -7.14 18.63
N ALA B 105 16.71 -8.36 18.11
CA ALA B 105 15.64 -9.32 18.35
C ALA B 105 15.54 -9.65 19.85
N ALA B 106 16.67 -9.79 20.53
CA ALA B 106 16.65 -9.97 22.02
C ALA B 106 16.04 -8.80 22.77
N GLN B 107 16.44 -7.58 22.41
CA GLN B 107 15.87 -6.38 23.05
C GLN B 107 14.38 -6.31 22.83
N LEU B 108 13.92 -6.66 21.62
CA LEU B 108 12.47 -6.65 21.39
C LEU B 108 11.78 -7.63 22.33
N GLY B 109 12.37 -8.83 22.48
CA GLY B 109 11.82 -9.80 23.44
C GLY B 109 11.76 -9.25 24.87
N LYS B 110 12.87 -8.71 25.34
CA LYS B 110 12.92 -8.10 26.69
C LYS B 110 11.85 -7.02 26.87
N ASP B 111 11.63 -6.25 25.81
CA ASP B 111 10.70 -5.13 25.83
C ASP B 111 9.28 -5.63 25.90
N ILE B 112 8.99 -6.71 25.18
CA ILE B 112 7.70 -7.31 25.18
C ILE B 112 7.48 -7.84 26.59
N LYS B 113 8.51 -8.45 27.16
CA LYS B 113 8.33 -9.05 28.48
C LYS B 113 8.05 -7.99 29.58
N SER B 114 8.69 -6.85 29.45
CA SER B 114 8.52 -5.74 30.39
C SER B 114 7.20 -5.01 30.21
N TYR B 115 6.83 -4.71 28.96
CA TYR B 115 5.71 -3.77 28.70
C TYR B 115 4.41 -4.39 28.23
N CYS B 116 4.46 -5.57 27.62
CA CYS B 116 3.25 -6.26 27.18
C CYS B 116 3.35 -7.79 27.24
N PRO B 117 3.70 -8.30 28.43
CA PRO B 117 3.87 -9.75 28.56
C PRO B 117 2.58 -10.47 28.22
N ASP B 118 1.43 -9.78 28.23
CA ASP B 118 0.13 -10.35 27.83
C ASP B 118 -0.23 -10.23 26.33
N CYS B 119 0.74 -9.84 25.52
CA CYS B 119 0.61 -9.74 24.05
C CYS B 119 0.06 -11.06 23.50
N LYS B 120 -0.76 -11.01 22.45
CA LYS B 120 -1.31 -12.23 21.91
C LYS B 120 -0.46 -12.87 20.81
N HIS B 121 0.10 -12.06 19.92
CA HIS B 121 0.87 -12.57 18.78
C HIS B 121 1.89 -11.58 18.29
N VAL B 122 3.06 -12.10 17.91
CA VAL B 122 4.16 -11.27 17.44
C VAL B 122 4.72 -11.87 16.16
N ILE B 123 4.92 -11.03 15.16
CA ILE B 123 5.51 -11.45 13.89
C ILE B 123 6.80 -10.69 13.64
N ILE B 124 7.85 -11.45 13.35
CA ILE B 124 9.20 -10.94 13.14
C ILE B 124 9.54 -11.14 11.70
N ILE B 125 9.91 -10.07 11.04
CA ILE B 125 10.17 -10.21 9.61
C ILE B 125 11.59 -9.81 9.16
N PHE B 126 12.39 -9.16 10.03
CA PHE B 126 13.76 -8.83 9.65
C PHE B 126 14.70 -10.03 9.75
N ASN B 127 15.67 -10.10 8.85
CA ASN B 127 16.51 -11.28 8.76
C ASN B 127 17.73 -11.23 9.67
N PRO B 128 18.34 -12.41 9.88
CA PRO B 128 17.84 -13.71 9.35
C PRO B 128 16.65 -14.25 10.17
N ALA B 129 15.46 -14.37 9.57
CA ALA B 129 14.25 -14.60 10.37
C ALA B 129 14.27 -15.88 11.24
N ASP B 130 14.98 -16.92 10.83
CA ASP B 130 15.09 -18.15 11.67
C ASP B 130 15.70 -17.88 13.02
N ILE B 131 16.65 -16.95 13.04
CA ILE B 131 17.34 -16.60 14.28
C ILE B 131 16.58 -15.49 15.02
N THR B 132 16.21 -14.45 14.28
CA THR B 132 15.54 -13.33 14.93
C THR B 132 14.25 -13.78 15.56
N GLY B 133 13.46 -14.58 14.84
CA GLY B 133 12.21 -15.11 15.36
C GLY B 133 12.44 -15.91 16.63
N LEU B 134 13.45 -16.77 16.60
CA LEU B 134 13.73 -17.66 17.73
C LEU B 134 14.20 -16.86 18.96
N VAL B 135 15.07 -15.89 18.74
CA VAL B 135 15.60 -15.07 19.83
C VAL B 135 14.47 -14.26 20.44
N THR B 136 13.61 -13.69 19.59
CA THR B 136 12.46 -12.97 20.13
C THR B 136 11.52 -13.84 20.95
N LEU B 137 11.15 -15.01 20.42
CA LEU B 137 10.38 -15.99 21.17
C LEU B 137 10.96 -16.25 22.58
N ILE B 138 12.24 -16.56 22.61
CA ILE B 138 12.90 -16.96 23.84
C ILE B 138 12.92 -15.81 24.83
N TYR B 139 13.27 -14.61 24.37
CA TYR B 139 13.39 -13.48 25.28
C TYR B 139 12.03 -12.91 25.70
N SER B 140 11.00 -13.12 24.88
CA SER B 140 9.70 -12.51 25.12
C SER B 140 8.92 -13.16 26.26
N GLY B 141 9.28 -14.39 26.63
CA GLY B 141 8.47 -15.15 27.61
C GLY B 141 7.18 -15.72 27.04
N LEU B 142 6.92 -15.53 25.74
CA LEU B 142 5.65 -16.01 25.17
C LEU B 142 5.67 -17.52 24.84
N LYS B 143 4.50 -18.13 24.63
CA LYS B 143 4.41 -19.51 24.13
C LYS B 143 4.82 -19.62 22.65
N PRO B 144 5.21 -20.81 22.21
CA PRO B 144 5.62 -20.94 20.80
C PRO B 144 4.46 -20.66 19.81
N SER B 145 3.22 -20.87 20.23
CA SER B 145 2.09 -20.57 19.33
C SER B 145 1.89 -19.06 19.08
N GLN B 146 2.60 -18.23 19.82
CA GLN B 146 2.40 -16.77 19.75
C GLN B 146 3.43 -15.97 18.91
N VAL B 147 4.42 -16.65 18.34
CA VAL B 147 5.43 -15.96 17.56
C VAL B 147 5.60 -16.63 16.19
N THR B 148 5.59 -15.83 15.12
CA THR B 148 5.81 -16.33 13.75
C THR B 148 6.79 -15.42 13.02
N THR B 149 7.32 -15.90 11.89
CA THR B 149 8.08 -15.06 11.03
C THR B 149 7.52 -15.13 9.63
N LEU B 150 7.80 -14.10 8.84
CA LEU B 150 7.39 -14.06 7.44
C LEU B 150 8.24 -15.06 6.71
N ALA B 151 7.58 -16.02 6.07
CA ALA B 151 8.27 -17.06 5.37
C ALA B 151 7.58 -17.49 4.09
N GLY B 152 6.50 -16.80 3.70
CA GLY B 152 5.68 -17.21 2.56
C GLY B 152 6.09 -16.72 1.17
N LEU B 153 6.99 -15.76 1.08
CA LEU B 153 7.33 -15.19 -0.22
C LEU B 153 8.00 -16.23 -1.14
N ASP B 154 8.72 -17.20 -0.56
CA ASP B 154 9.36 -18.22 -1.39
C ASP B 154 8.23 -19.05 -2.06
N SER B 155 7.15 -19.27 -1.35
CA SER B 155 6.00 -20.00 -1.93
C SER B 155 5.23 -19.15 -2.98
N THR B 156 5.09 -17.86 -2.71
CA THR B 156 4.36 -17.06 -3.66
C THR B 156 5.22 -16.80 -4.90
N ARG B 157 6.52 -16.67 -4.71
CA ARG B 157 7.41 -16.51 -5.85
C ARG B 157 7.38 -17.79 -6.68
N LEU B 158 7.43 -18.93 -6.02
CA LEU B 158 7.37 -20.17 -6.82
C LEU B 158 6.03 -20.27 -7.58
N GLN B 159 4.93 -19.88 -6.95
CA GLN B 159 3.65 -19.81 -7.67
C GLN B 159 3.66 -18.92 -8.90
N SER B 160 4.20 -17.71 -8.76
CA SER B 160 4.33 -16.74 -9.85
C SER B 160 5.24 -17.22 -10.99
N GLU B 161 6.41 -17.77 -10.64
CA GLU B 161 7.33 -18.28 -11.65
C GLU B 161 6.72 -19.46 -12.42
N LEU B 162 5.99 -20.36 -11.72
CA LEU B 162 5.30 -21.44 -12.42
C LEU B 162 4.19 -20.94 -13.33
N ALA B 163 3.41 -19.96 -12.86
CA ALA B 163 2.36 -19.42 -13.71
C ALA B 163 2.96 -18.70 -14.95
N LYS B 164 4.05 -17.98 -14.77
CA LYS B 164 4.77 -17.36 -15.90
C LYS B 164 5.26 -18.39 -16.93
N HIS B 165 5.87 -19.47 -16.42
CA HIS B 165 6.20 -20.62 -17.25
C HIS B 165 5.09 -21.18 -18.11
N PHE B 166 3.98 -21.56 -17.48
CA PHE B 166 2.85 -22.20 -18.19
C PHE B 166 1.95 -21.19 -18.89
N GLY B 167 2.11 -19.92 -18.54
CA GLY B 167 1.37 -18.86 -19.21
C GLY B 167 -0.06 -18.90 -18.81
N ILE B 168 -0.32 -19.19 -17.53
CA ILE B 168 -1.69 -19.24 -17.08
C ILE B 168 -1.87 -18.26 -15.94
N LYS B 169 -3.11 -18.02 -15.55
CA LYS B 169 -3.41 -17.14 -14.41
C LYS B 169 -2.80 -17.69 -13.11
N GLN B 170 -2.20 -16.81 -12.32
CA GLN B 170 -1.36 -17.27 -11.21
C GLN B 170 -2.12 -18.17 -10.22
N SER B 171 -3.40 -17.85 -9.96
CA SER B 171 -4.20 -18.54 -8.93
C SER B 171 -4.49 -19.99 -9.28
N LEU B 172 -4.27 -20.34 -10.54
CA LEU B 172 -4.48 -21.68 -11.06
C LEU B 172 -3.35 -22.64 -10.76
N VAL B 173 -2.23 -22.09 -10.31
CA VAL B 173 -1.13 -22.89 -9.74
C VAL B 173 -1.39 -22.99 -8.23
N THR B 174 -1.72 -24.18 -7.77
CA THR B 174 -2.24 -24.31 -6.44
C THR B 174 -1.26 -25.00 -5.52
N ASN B 175 -1.26 -24.57 -4.25
CA ASN B 175 -0.56 -25.30 -3.20
C ASN B 175 0.94 -25.47 -3.43
N THR B 176 1.58 -24.42 -3.95
CA THR B 176 3.04 -24.35 -4.08
C THR B 176 3.62 -24.07 -2.71
N ARG B 177 4.64 -24.81 -2.36
CA ARG B 177 5.21 -24.74 -1.02
C ARG B 177 6.70 -24.95 -0.97
N THR B 178 7.38 -24.06 -0.24
CA THR B 178 8.75 -24.28 0.19
C THR B 178 8.77 -24.26 1.73
N TYR B 179 9.56 -25.14 2.30
CA TYR B 179 9.68 -25.22 3.74
C TYR B 179 11.17 -25.10 4.14
N GLY B 180 11.44 -25.03 5.45
CA GLY B 180 12.82 -24.92 5.96
C GLY B 180 13.40 -23.50 6.06
N GLY B 181 14.50 -23.24 5.38
CA GLY B 181 15.12 -21.93 5.43
C GLY B 181 14.57 -21.08 4.30
N HIS B 182 15.19 -19.95 4.04
CA HIS B 182 14.78 -19.19 2.87
C HIS B 182 15.87 -19.06 1.84
N GLY B 183 15.46 -18.61 0.65
CA GLY B 183 16.34 -18.47 -0.51
C GLY B 183 17.16 -19.75 -0.69
N GLU B 184 18.48 -19.60 -0.54
CA GLU B 184 19.42 -20.65 -0.83
C GLU B 184 19.15 -21.87 0.03
N GLN B 185 18.57 -21.66 1.20
CA GLN B 185 18.27 -22.79 2.10
C GLN B 185 16.83 -23.26 2.04
N MET B 186 16.08 -22.80 1.04
CA MET B 186 14.68 -23.23 0.98
C MET B 186 14.68 -24.65 0.50
N ALA B 187 13.65 -25.40 0.95
CA ALA B 187 13.39 -26.75 0.48
C ALA B 187 12.07 -26.81 -0.27
N VAL B 188 12.18 -26.92 -1.59
CA VAL B 188 10.97 -27.00 -2.44
C VAL B 188 10.25 -28.35 -2.36
N PHE B 189 9.00 -28.34 -1.96
CA PHE B 189 8.17 -29.55 -1.90
C PHE B 189 7.22 -29.65 -3.11
N ALA B 190 7.77 -29.96 -4.26
CA ALA B 190 7.00 -29.99 -5.50
C ALA B 190 5.81 -30.96 -5.49
N SER B 191 5.87 -32.00 -4.67
CA SER B 191 4.76 -32.96 -4.61
C SER B 191 3.48 -32.30 -4.09
N THR B 192 3.58 -31.14 -3.45
CA THR B 192 2.37 -30.52 -2.92
C THR B 192 1.59 -29.78 -4.00
N ALA B 193 2.24 -29.37 -5.10
CA ALA B 193 1.62 -28.43 -6.04
C ALA B 193 0.89 -28.96 -7.27
N LYS B 194 -0.15 -28.25 -7.72
CA LYS B 194 -0.85 -28.57 -8.99
C LYS B 194 -0.86 -27.36 -9.92
N VAL B 195 -0.73 -27.66 -11.22
CA VAL B 195 -0.75 -26.61 -12.24
C VAL B 195 -2.06 -26.74 -12.99
N ASN B 196 -3.04 -25.92 -12.62
CA ASN B 196 -4.33 -26.03 -13.26
C ASN B 196 -4.85 -27.48 -13.18
N GLY B 197 -4.69 -28.10 -12.01
CA GLY B 197 -5.30 -29.40 -11.74
C GLY B 197 -4.33 -30.58 -11.91
N THR B 198 -3.29 -30.35 -12.72
CA THR B 198 -2.23 -31.35 -12.99
C THR B 198 -1.08 -31.29 -11.99
N PRO B 199 -0.85 -32.40 -11.28
CA PRO B 199 0.27 -32.51 -10.32
C PRO B 199 1.57 -31.98 -10.90
N LEU B 200 2.24 -31.10 -10.18
CA LEU B 200 3.48 -30.52 -10.68
C LEU B 200 4.50 -31.64 -10.97
N THR B 201 4.53 -32.67 -10.14
CA THR B 201 5.57 -33.68 -10.32
C THR B 201 5.37 -34.49 -11.61
N ASP B 202 4.18 -34.44 -12.19
CA ASP B 202 3.95 -35.01 -13.52
C ASP B 202 4.36 -34.09 -14.65
N LEU B 203 4.66 -32.84 -14.33
CA LEU B 203 5.08 -31.94 -15.39
C LEU B 203 6.60 -31.83 -15.44
N ILE B 204 7.25 -31.93 -14.28
CA ILE B 204 8.69 -31.69 -14.23
C ILE B 204 9.45 -32.82 -14.92
N GLY B 205 10.32 -32.47 -15.85
CA GLY B 205 11.06 -33.48 -16.58
C GLY B 205 10.39 -33.88 -17.88
N THR B 206 9.22 -33.28 -18.18
CA THR B 206 8.54 -33.47 -19.45
C THR B 206 8.80 -32.33 -20.42
N ASP B 207 8.33 -32.52 -21.65
CA ASP B 207 8.36 -31.47 -22.66
C ASP B 207 7.81 -30.14 -22.15
N LYS B 208 6.80 -30.18 -21.27
CA LYS B 208 6.15 -28.95 -20.85
C LYS B 208 6.90 -28.21 -19.75
N LEU B 209 7.92 -28.85 -19.17
CA LEU B 209 8.82 -28.22 -18.18
C LEU B 209 10.02 -29.14 -18.00
N THR B 210 11.13 -28.79 -18.65
CA THR B 210 12.25 -29.69 -18.72
C THR B 210 13.03 -29.63 -17.44
N ASN B 211 13.89 -30.62 -17.26
CA ASN B 211 14.79 -30.64 -16.13
C ASN B 211 15.49 -29.32 -15.94
N GLU B 212 16.06 -28.79 -17.03
CA GLU B 212 16.86 -27.58 -16.96
C GLU B 212 16.02 -26.32 -16.71
N GLN B 213 14.82 -26.30 -17.29
CA GLN B 213 13.89 -25.18 -17.10
C GLN B 213 13.41 -25.13 -15.65
N TRP B 214 13.29 -26.30 -15.02
CA TRP B 214 12.89 -26.38 -13.62
C TRP B 214 14.02 -25.92 -12.71
N ALA B 215 15.26 -26.33 -13.00
CA ALA B 215 16.41 -25.80 -12.26
C ALA B 215 16.48 -24.28 -12.35
N GLU B 216 16.25 -23.73 -13.54
CA GLU B 216 16.33 -22.30 -13.71
C GLU B 216 15.19 -21.56 -12.98
N LEU B 217 14.00 -22.14 -13.05
CA LEU B 217 12.80 -21.60 -12.40
C LEU B 217 13.01 -21.55 -10.89
N LYS B 218 13.48 -22.67 -10.33
CA LYS B 218 13.83 -22.68 -8.91
C LYS B 218 14.83 -21.59 -8.54
N GLN B 219 15.82 -21.37 -9.42
CA GLN B 219 16.83 -20.35 -9.15
C GLN B 219 16.24 -18.96 -9.22
N ARG B 220 15.23 -18.77 -10.06
CA ARG B 220 14.57 -17.46 -10.09
C ARG B 220 13.84 -17.20 -8.75
N VAL B 221 13.36 -18.28 -8.11
CA VAL B 221 12.78 -18.16 -6.76
C VAL B 221 13.84 -17.83 -5.69
N VAL B 222 14.87 -18.66 -5.66
CA VAL B 222 15.99 -18.48 -4.75
C VAL B 222 16.60 -17.06 -4.81
N LYS B 223 16.72 -16.52 -6.02
CA LYS B 223 17.23 -15.17 -6.26
C LYS B 223 16.11 -14.11 -6.39
N GLY B 224 14.90 -14.44 -5.97
CA GLY B 224 13.76 -13.52 -6.15
C GLY B 224 13.97 -12.14 -5.54
N GLY B 225 14.51 -12.13 -4.33
CA GLY B 225 14.89 -10.87 -3.65
C GLY B 225 15.92 -10.03 -4.38
N ALA B 226 17.03 -10.64 -4.78
CA ALA B 226 18.02 -9.93 -5.62
C ALA B 226 17.41 -9.37 -6.92
N ASN B 227 16.49 -10.13 -7.52
CA ASN B 227 15.83 -9.69 -8.74
C ASN B 227 15.02 -8.41 -8.48
N ILE B 228 14.23 -8.38 -7.40
CA ILE B 228 13.46 -7.17 -7.14
C ILE B 228 14.43 -6.00 -7.01
N ILE B 229 15.55 -6.21 -6.33
CA ILE B 229 16.54 -5.12 -6.16
C ILE B 229 17.09 -4.66 -7.51
N LYS B 230 17.39 -5.62 -8.39
CA LYS B 230 17.90 -5.25 -9.71
C LYS B 230 16.84 -4.46 -10.46
N LEU B 231 15.56 -4.80 -10.26
CA LEU B 231 14.50 -4.18 -11.10
C LEU B 231 13.98 -2.84 -10.49
N ARG B 232 13.72 -2.85 -9.19
CA ARG B 232 13.20 -1.69 -8.49
C ARG B 232 14.27 -0.72 -8.02
N GLY B 233 15.51 -1.19 -7.84
CA GLY B 233 16.58 -0.33 -7.34
C GLY B 233 16.59 -0.29 -5.83
N ARG B 234 15.76 -1.13 -5.22
CA ARG B 234 15.74 -1.26 -3.76
C ARG B 234 15.12 -2.60 -3.41
N SER B 235 15.25 -3.00 -2.15
CA SER B 235 14.69 -4.28 -1.66
C SER B 235 13.18 -4.27 -1.73
N SER B 236 12.58 -5.45 -1.92
CA SER B 236 11.12 -5.56 -1.88
C SER B 236 10.56 -4.93 -0.61
N PHE B 237 9.41 -4.28 -0.75
CA PHE B 237 8.74 -3.71 0.43
C PHE B 237 7.21 -3.90 0.39
N GLN B 238 6.64 -3.97 -0.79
CA GLN B 238 5.17 -4.15 -0.84
C GLN B 238 4.72 -5.57 -0.49
N SER B 239 5.35 -6.57 -1.11
CA SER B 239 4.96 -7.95 -0.83
C SER B 239 5.23 -8.43 0.62
N PRO B 240 6.44 -8.17 1.19
CA PRO B 240 6.71 -8.57 2.58
C PRO B 240 5.72 -7.89 3.52
N SER B 241 5.38 -6.64 3.21
CA SER B 241 4.43 -5.88 4.03
C SER B 241 3.07 -6.48 3.91
N TYR B 242 2.59 -6.63 2.68
CA TYR B 242 1.28 -7.19 2.48
C TYR B 242 1.10 -8.59 3.14
N VAL B 243 2.03 -9.49 2.88
CA VAL B 243 1.86 -10.87 3.40
C VAL B 243 1.90 -10.90 4.97
N SER B 244 2.80 -10.11 5.54
CA SER B 244 2.92 -10.03 6.98
C SER B 244 1.65 -9.49 7.64
N ILE B 245 0.99 -8.54 7.00
CA ILE B 245 -0.20 -7.99 7.64
C ILE B 245 -1.37 -8.97 7.39
N GLU B 246 -1.30 -9.75 6.31
CA GLU B 246 -2.25 -10.86 6.17
C GLU B 246 -2.09 -11.85 7.33
N MET B 247 -0.84 -12.10 7.69
CA MET B 247 -0.60 -12.99 8.86
C MET B 247 -1.18 -12.42 10.18
N ILE B 248 -0.93 -11.14 10.46
CA ILE B 248 -1.41 -10.59 11.75
C ILE B 248 -2.95 -10.53 11.72
N ARG B 249 -3.52 -10.29 10.55
CA ARG B 249 -4.98 -10.34 10.47
C ARG B 249 -5.52 -11.71 10.90
N ALA B 250 -4.79 -12.77 10.52
CA ALA B 250 -5.22 -14.11 10.83
C ALA B 250 -5.11 -14.32 12.34
N ALA B 251 -4.01 -13.85 12.93
CA ALA B 251 -3.77 -13.95 14.39
C ALA B 251 -4.84 -13.17 15.18
N MET B 252 -5.35 -12.11 14.57
CA MET B 252 -6.38 -11.27 15.17
C MET B 252 -7.79 -11.82 14.94
N GLY B 253 -7.89 -12.97 14.28
CA GLY B 253 -9.19 -13.64 14.09
C GLY B 253 -9.94 -13.36 12.79
N GLY B 254 -9.26 -12.75 11.81
CA GLY B 254 -9.81 -12.58 10.45
C GLY B 254 -9.63 -13.82 9.59
N GLU B 255 -9.58 -13.67 8.26
CA GLU B 255 -9.33 -14.83 7.40
C GLU B 255 -8.05 -15.59 7.77
N ALA B 256 -8.12 -16.92 7.83
CA ALA B 256 -6.97 -17.72 8.24
C ALA B 256 -5.83 -17.58 7.23
N PHE B 257 -4.59 -17.67 7.71
CA PHE B 257 -3.43 -17.59 6.87
C PHE B 257 -2.80 -18.96 6.73
N ARG B 258 -2.71 -19.44 5.49
CA ARG B 258 -2.18 -20.76 5.20
C ARG B 258 -0.90 -20.83 4.31
N TRP B 259 -0.34 -19.72 3.82
CA TRP B 259 0.98 -19.84 3.17
C TRP B 259 1.83 -20.27 4.35
N PRO B 260 3.01 -20.81 4.07
CA PRO B 260 3.94 -21.19 5.10
C PRO B 260 4.35 -19.97 5.91
N ALA B 261 4.51 -20.19 7.20
CA ALA B 261 5.06 -19.19 8.10
C ALA B 261 6.13 -19.86 8.93
N GLY B 262 7.10 -19.07 9.37
CA GLY B 262 8.16 -19.58 10.25
C GLY B 262 7.57 -19.76 11.64
N CYS B 263 7.87 -20.89 12.26
CA CYS B 263 7.32 -21.16 13.59
C CYS B 263 8.24 -22.13 14.34
N TYR B 264 8.11 -22.19 15.65
CA TYR B 264 8.99 -23.02 16.46
C TYR B 264 8.64 -24.49 16.23
N VAL B 265 9.69 -25.30 16.03
CA VAL B 265 9.54 -26.75 15.83
C VAL B 265 10.55 -27.43 16.77
N ASN B 266 10.12 -28.47 17.45
CA ASN B 266 11.06 -29.24 18.29
C ASN B 266 10.63 -30.68 18.34
N VAL B 267 11.00 -31.45 17.32
CA VAL B 267 10.58 -32.83 17.28
C VAL B 267 11.77 -33.66 16.84
N PRO B 268 11.68 -34.99 16.99
CA PRO B 268 12.86 -35.76 16.62
C PRO B 268 13.22 -35.56 15.17
N GLY B 269 14.50 -35.33 14.90
CA GLY B 269 15.02 -35.04 13.57
C GLY B 269 15.06 -33.55 13.27
N PHE B 270 14.26 -32.79 14.00
CA PHE B 270 14.22 -31.33 13.77
C PHE B 270 14.04 -30.62 15.13
N GLU B 271 15.06 -30.69 15.96
CA GLU B 271 14.96 -30.26 17.34
C GLU B 271 15.26 -28.77 17.50
N HIS B 272 14.55 -28.11 18.40
CA HIS B 272 14.92 -26.75 18.89
C HIS B 272 15.27 -25.73 17.82
N ILE B 273 14.29 -25.42 16.97
CA ILE B 273 14.55 -24.58 15.80
C ILE B 273 13.30 -23.82 15.39
N MET B 274 13.46 -22.77 14.58
CA MET B 274 12.28 -22.08 13.98
C MET B 274 12.48 -22.30 12.50
N MET B 275 11.45 -22.78 11.82
CA MET B 275 11.53 -23.13 10.39
C MET B 275 10.26 -22.76 9.69
N ALA B 276 10.33 -22.49 8.40
CA ALA B 276 9.12 -22.35 7.60
C ALA B 276 8.46 -23.72 7.55
N MET B 277 7.18 -23.78 7.85
CA MET B 277 6.42 -25.03 8.00
C MET B 277 5.03 -24.97 7.39
N GLU B 278 4.35 -26.11 7.36
CA GLU B 278 2.96 -26.10 6.93
C GLU B 278 2.07 -25.69 8.09
N THR B 279 1.74 -24.41 8.15
CA THR B 279 1.28 -23.79 9.35
C THR B 279 -0.10 -23.27 9.01
N THR B 280 -0.93 -23.13 10.03
CA THR B 280 -2.11 -22.29 9.94
C THR B 280 -2.06 -21.31 11.10
N ILE B 281 -2.29 -20.04 10.81
CA ILE B 281 -2.46 -19.05 11.83
C ILE B 281 -3.94 -18.71 12.01
N THR B 282 -4.41 -18.78 13.25
CA THR B 282 -5.82 -18.45 13.60
C THR B 282 -5.83 -17.56 14.84
N LYS B 283 -7.01 -17.30 15.38
CA LYS B 283 -7.14 -16.56 16.63
C LYS B 283 -6.36 -17.24 17.76
N ASP B 284 -6.11 -18.54 17.60
CA ASP B 284 -5.36 -19.30 18.60
C ASP B 284 -3.85 -19.35 18.33
N GLY B 285 -3.37 -18.54 17.40
CA GLY B 285 -1.93 -18.52 17.11
C GLY B 285 -1.53 -19.52 16.03
N VAL B 286 -0.27 -19.94 16.04
CA VAL B 286 0.26 -20.79 14.94
C VAL B 286 0.31 -22.26 15.37
N LYS B 287 -0.09 -23.15 14.47
CA LYS B 287 0.11 -24.58 14.64
C LYS B 287 0.76 -25.08 13.35
N HIS B 288 1.63 -26.08 13.44
CA HIS B 288 2.18 -26.72 12.24
C HIS B 288 1.76 -28.18 12.15
N SER B 289 1.75 -28.72 10.94
CA SER B 289 1.38 -30.11 10.73
C SER B 289 2.56 -31.03 11.01
N ASP B 290 2.28 -32.32 10.99
CA ASP B 290 3.27 -33.33 11.26
C ASP B 290 4.32 -33.38 10.16
N ILE B 291 5.54 -33.08 10.54
CA ILE B 291 6.65 -33.05 9.60
C ILE B 291 6.84 -34.40 8.92
N ASN B 292 6.64 -35.47 9.65
CA ASN B 292 6.92 -36.79 9.11
C ASN B 292 5.92 -37.22 8.03
N GLN B 293 4.83 -36.48 7.89
CA GLN B 293 3.82 -36.74 6.84
C GLN B 293 3.90 -35.71 5.71
N LEU B 294 4.88 -34.83 5.78
CA LEU B 294 4.99 -33.74 4.85
C LEU B 294 5.68 -34.25 3.59
N GLY B 295 5.01 -34.12 2.43
CA GLY B 295 5.62 -34.47 1.14
C GLY B 295 6.10 -35.91 1.12
N ASN B 296 7.18 -36.18 0.38
CA ASN B 296 7.73 -37.54 0.37
C ASN B 296 9.09 -37.65 1.05
N GLU B 297 9.63 -38.86 1.04
CA GLU B 297 10.84 -39.08 1.79
C GLU B 297 12.00 -38.27 1.23
N ALA B 298 12.10 -38.17 -0.10
CA ALA B 298 13.18 -37.39 -0.67
C ALA B 298 13.08 -35.91 -0.28
N GLU B 299 11.87 -35.39 -0.24
CA GLU B 299 11.71 -33.98 0.11
C GLU B 299 12.00 -33.73 1.59
N ARG B 300 11.57 -34.65 2.46
CA ARG B 300 11.94 -34.52 3.88
C ARG B 300 13.45 -34.52 4.09
N ALA B 301 14.19 -35.23 3.22
CA ALA B 301 15.65 -35.24 3.31
C ALA B 301 16.23 -33.89 2.89
N ALA B 302 15.61 -33.30 1.89
CA ALA B 302 15.99 -31.96 1.49
C ALA B 302 15.73 -31.01 2.67
N LEU B 303 14.60 -31.21 3.33
CA LEU B 303 14.22 -30.39 4.48
C LEU B 303 15.20 -30.59 5.65
N LYS B 304 15.67 -31.82 5.82
CA LYS B 304 16.68 -32.09 6.86
C LYS B 304 18.00 -31.33 6.59
N GLU B 305 18.41 -31.25 5.34
CA GLU B 305 19.56 -30.46 4.92
C GLU B 305 19.40 -28.98 5.30
N SER B 306 18.26 -28.40 4.97
CA SER B 306 17.95 -27.04 5.35
C SER B 306 18.03 -26.90 6.90
N TYR B 307 17.36 -27.80 7.59
CA TYR B 307 17.45 -27.83 9.07
C TYR B 307 18.91 -27.83 9.57
N SER B 308 19.78 -28.64 8.94
CA SER B 308 21.16 -28.71 9.37
C SER B 308 21.84 -27.36 9.32
N HIS B 309 21.58 -26.59 8.26
CA HIS B 309 22.15 -25.26 8.16
C HIS B 309 21.60 -24.31 9.24
N LEU B 310 20.30 -24.37 9.46
CA LEU B 310 19.65 -23.51 10.43
C LEU B 310 20.18 -23.81 11.85
N ALA B 311 20.43 -25.09 12.12
CA ALA B 311 20.97 -25.53 13.42
C ALA B 311 22.38 -25.00 13.65
N LYS B 312 23.19 -24.99 12.60
CA LYS B 312 24.52 -24.39 12.72
C LYS B 312 24.46 -22.89 13.04
N LEU B 313 23.58 -22.17 12.36
CA LEU B 313 23.37 -20.76 12.66
C LEU B 313 22.88 -20.57 14.12
N ARG B 314 21.87 -21.33 14.52
CA ARG B 314 21.42 -21.30 15.89
C ARG B 314 22.60 -21.43 16.84
N ASP B 315 23.45 -22.44 16.64
CA ASP B 315 24.54 -22.72 17.58
C ASP B 315 25.58 -21.60 17.63
N GLU B 316 25.78 -20.89 16.52
CA GLU B 316 26.62 -19.69 16.50
C GLU B 316 26.07 -18.61 17.44
N VAL B 317 24.77 -18.40 17.41
CA VAL B 317 24.16 -17.41 18.28
C VAL B 317 24.11 -17.84 19.73
N ILE B 318 24.07 -19.14 19.98
CA ILE B 318 24.31 -19.65 21.34
C ILE B 318 25.76 -19.31 21.78
N ALA B 319 26.71 -19.49 20.87
CA ALA B 319 28.11 -19.30 21.22
C ALA B 319 28.37 -17.84 21.53
N MET B 320 27.57 -16.95 20.94
CA MET B 320 27.62 -15.53 21.26
C MET B 320 27.05 -15.25 22.66
N GLY B 321 26.45 -16.24 23.30
CA GLY B 321 25.86 -16.03 24.63
C GLY B 321 24.51 -15.28 24.60
N ILE B 322 23.91 -15.17 23.41
CA ILE B 322 22.61 -14.47 23.27
C ILE B 322 21.45 -15.46 23.44
N ILE B 323 21.51 -16.57 22.70
CA ILE B 323 20.54 -17.65 22.90
C ILE B 323 21.13 -18.52 24.04
N PRO B 324 20.34 -18.83 25.09
CA PRO B 324 20.91 -19.67 26.16
C PRO B 324 21.27 -21.06 25.61
N ALA B 325 22.02 -21.84 26.39
CA ALA B 325 22.20 -23.26 26.07
C ALA B 325 20.87 -23.98 25.93
N ILE B 326 20.77 -24.85 24.92
CA ILE B 326 19.50 -25.53 24.67
C ILE B 326 19.05 -26.22 25.95
N ALA B 327 19.98 -26.80 26.70
CA ALA B 327 19.57 -27.51 27.91
C ALA B 327 18.91 -26.57 28.94
N ASP B 328 19.09 -25.26 28.76
CA ASP B 328 18.54 -24.27 29.67
C ASP B 328 17.19 -23.63 29.24
N TRP B 329 16.67 -24.02 28.08
CA TRP B 329 15.42 -23.48 27.56
C TRP B 329 14.22 -23.89 28.43
#